data_2LFY
# 
_entry.id   2LFY 
# 
_audit_conform.dict_name       mmcif_pdbx.dic 
_audit_conform.dict_version    5.392 
_audit_conform.dict_location   http://mmcif.pdb.org/dictionaries/ascii/mmcif_pdbx.dic 
# 
loop_
_database_2.database_id 
_database_2.database_code 
_database_2.pdbx_database_accession 
_database_2.pdbx_DOI 
PDB   2LFY         pdb_00002lfy 10.2210/pdb2lfy/pdb 
RCSB  RCSB102344   ?            ?                   
BMRB  17787        ?            10.13018/BMR17787   
WWPDB D_1000102344 ?            ?                   
# 
loop_
_pdbx_audit_revision_history.ordinal 
_pdbx_audit_revision_history.data_content_type 
_pdbx_audit_revision_history.major_revision 
_pdbx_audit_revision_history.minor_revision 
_pdbx_audit_revision_history.revision_date 
1 'Structure model' 1 0 2012-06-27 
2 'Structure model' 1 1 2023-06-14 
3 'Structure model' 1 2 2024-05-15 
# 
_pdbx_audit_revision_details.ordinal             1 
_pdbx_audit_revision_details.revision_ordinal    1 
_pdbx_audit_revision_details.data_content_type   'Structure model' 
_pdbx_audit_revision_details.provider            repository 
_pdbx_audit_revision_details.type                'Initial release' 
_pdbx_audit_revision_details.description         ? 
_pdbx_audit_revision_details.details             ? 
# 
loop_
_pdbx_audit_revision_group.ordinal 
_pdbx_audit_revision_group.revision_ordinal 
_pdbx_audit_revision_group.data_content_type 
_pdbx_audit_revision_group.group 
1 2 'Structure model' 'Data collection'      
2 2 'Structure model' 'Database references'  
3 2 'Structure model' 'Derived calculations' 
4 2 'Structure model' Other                  
5 3 'Structure model' 'Data collection'      
6 3 'Structure model' 'Database references'  
# 
loop_
_pdbx_audit_revision_category.ordinal 
_pdbx_audit_revision_category.revision_ordinal 
_pdbx_audit_revision_category.data_content_type 
_pdbx_audit_revision_category.category 
1 2 'Structure model' database_2            
2 2 'Structure model' pdbx_database_status  
3 2 'Structure model' pdbx_nmr_software     
4 2 'Structure model' pdbx_nmr_spectrometer 
5 2 'Structure model' struct_conn           
6 3 'Structure model' chem_comp_atom        
7 3 'Structure model' chem_comp_bond        
8 3 'Structure model' database_2            
# 
loop_
_pdbx_audit_revision_item.ordinal 
_pdbx_audit_revision_item.revision_ordinal 
_pdbx_audit_revision_item.data_content_type 
_pdbx_audit_revision_item.item 
1 2 'Structure model' '_database_2.pdbx_DOI'                       
2 2 'Structure model' '_database_2.pdbx_database_accession'        
3 2 'Structure model' '_pdbx_database_status.status_code_nmr_data' 
4 2 'Structure model' '_pdbx_nmr_software.name'                    
5 2 'Structure model' '_pdbx_nmr_spectrometer.model'               
6 2 'Structure model' '_struct_conn.pdbx_leaving_atom_flag'        
7 3 'Structure model' '_database_2.pdbx_DOI'                       
# 
_pdbx_database_status.deposit_site                    BMRB 
_pdbx_database_status.entry_id                        2LFY 
_pdbx_database_status.process_site                    RCSB 
_pdbx_database_status.recvd_initial_deposition_date   2011-07-18 
_pdbx_database_status.SG_entry                        ? 
_pdbx_database_status.status_code                     REL 
_pdbx_database_status.status_code_mr                  REL 
_pdbx_database_status.status_code_sf                  ? 
_pdbx_database_status.status_code_cs                  REL 
_pdbx_database_status.methods_development_category    ? 
_pdbx_database_status.pdb_format_compatible           Y 
_pdbx_database_status.status_code_nmr_data            REL 
# 
loop_
_pdbx_database_related.db_id 
_pdbx_database_related.db_name 
_pdbx_database_related.content_type 
_pdbx_database_related.details 
17787 BMRB unspecified . 
2LFX  PDB  unspecified . 
# 
loop_
_audit_author.name 
_audit_author.pdbx_ordinal 
'Huang, H.'   1 
'Das, R.S.'   2 
'Basu, A.'    3 
'Stone, M.P.' 4 
# 
_citation.id                        primary 
_citation.title                     
;Structures of (5'S)-8,5'-Cyclo-2'-deoxyguanosine Mismatched with dA or dT.
;
_citation.journal_abbrev            Chem.Res.Toxicol. 
_citation.journal_volume            25 
_citation.page_first                478 
_citation.page_last                 490 
_citation.year                      2012 
_citation.journal_id_ASTM           CRTOEC 
_citation.country                   US 
_citation.journal_id_ISSN           0893-228X 
_citation.journal_id_CSD            2140 
_citation.book_publisher            ? 
_citation.pdbx_database_id_PubMed   22309170 
_citation.pdbx_database_id_DOI      10.1021/tx2005053 
# 
loop_
_citation_author.citation_id 
_citation_author.name 
_citation_author.ordinal 
_citation_author.identifier_ORCID 
primary 'Huang, H.'   1 ? 
primary 'Das, R.S.'   2 ? 
primary 'Basu, A.K.'  3 ? 
primary 'Stone, M.P.' 4 ? 
# 
loop_
_entity.id 
_entity.type 
_entity.src_method 
_entity.pdbx_description 
_entity.formula_weight 
_entity.pdbx_number_of_molecules 
_entity.pdbx_ec 
_entity.pdbx_mutation 
_entity.pdbx_fragment 
_entity.details 
1 polymer syn 
;DNA (5'-D(*GP*TP*GP*CP*(2LF)P*TP*GP*TP*TP*TP*GP*T)-3')
;
3713.394 1 ? ? ? ? 
2 polymer syn 
;DNA (5'-D(*AP*CP*AP*AP*AP*CP*AP*AP*GP*CP*AP*C)-3')
;
3633.423 1 ? ? ? ? 
# 
loop_
_entity_poly.entity_id 
_entity_poly.type 
_entity_poly.nstd_linkage 
_entity_poly.nstd_monomer 
_entity_poly.pdbx_seq_one_letter_code 
_entity_poly.pdbx_seq_one_letter_code_can 
_entity_poly.pdbx_strand_id 
_entity_poly.pdbx_target_identifier 
1 polydeoxyribonucleotide no yes '(DG)(DT)(DG)(DC)(2LF)(DT)(DG)(DT)(DT)(DT)(DG)(DT)' GTGCXTGTTTGT A ? 
2 polydeoxyribonucleotide no no  '(DA)(DC)(DA)(DA)(DA)(DC)(DA)(DA)(DG)(DC)(DA)(DC)'  ACAAACAAGCAC B ? 
# 
loop_
_entity_poly_seq.entity_id 
_entity_poly_seq.num 
_entity_poly_seq.mon_id 
_entity_poly_seq.hetero 
1 1  DG  n 
1 2  DT  n 
1 3  DG  n 
1 4  DC  n 
1 5  2LF n 
1 6  DT  n 
1 7  DG  n 
1 8  DT  n 
1 9  DT  n 
1 10 DT  n 
1 11 DG  n 
1 12 DT  n 
2 1  DA  n 
2 2  DC  n 
2 3  DA  n 
2 4  DA  n 
2 5  DA  n 
2 6  DC  n 
2 7  DA  n 
2 8  DA  n 
2 9  DG  n 
2 10 DC  n 
2 11 DA  n 
2 12 DC  n 
# 
loop_
_chem_comp.id 
_chem_comp.type 
_chem_comp.mon_nstd_flag 
_chem_comp.name 
_chem_comp.pdbx_synonyms 
_chem_comp.formula 
_chem_comp.formula_weight 
2LF 'DNA linking' . 
'(6S,7S,8S,10R)-2-amino-8-hydroxy-4-oxo-3,6,7,8,9,10-hexahydro-4H-7,10-epoxyazepino[1,2-e]purin-6-yl dihydrogen phosphate' ? 
'C10 H12 N5 O7 P' 345.205 
DA  'DNA linking' y "2'-DEOXYADENOSINE-5'-MONOPHOSPHATE" ? 'C10 H14 N5 O6 P' 331.222 
DC  'DNA linking' y "2'-DEOXYCYTIDINE-5'-MONOPHOSPHATE" ? 'C9 H14 N3 O7 P'  307.197 
DG  'DNA linking' y "2'-DEOXYGUANOSINE-5'-MONOPHOSPHATE" ? 'C10 H14 N5 O7 P' 347.221 
DT  'DNA linking' y "THYMIDINE-5'-MONOPHOSPHATE" ? 'C10 H15 N2 O8 P' 322.208 
# 
loop_
_pdbx_poly_seq_scheme.asym_id 
_pdbx_poly_seq_scheme.entity_id 
_pdbx_poly_seq_scheme.seq_id 
_pdbx_poly_seq_scheme.mon_id 
_pdbx_poly_seq_scheme.ndb_seq_num 
_pdbx_poly_seq_scheme.pdb_seq_num 
_pdbx_poly_seq_scheme.auth_seq_num 
_pdbx_poly_seq_scheme.pdb_mon_id 
_pdbx_poly_seq_scheme.auth_mon_id 
_pdbx_poly_seq_scheme.pdb_strand_id 
_pdbx_poly_seq_scheme.pdb_ins_code 
_pdbx_poly_seq_scheme.hetero 
A 1 1  DG  1  1  1  DG  DG5 A . n 
A 1 2  DT  2  2  2  DT  DT  A . n 
A 1 3  DG  3  3  3  DG  DG  A . n 
A 1 4  DC  4  4  4  DC  DC  A . n 
A 1 5  2LF 5  5  5  2LF CDG A . n 
A 1 6  DT  6  6  6  DT  DT  A . n 
A 1 7  DG  7  7  7  DG  DG  A . n 
A 1 8  DT  8  8  8  DT  DT  A . n 
A 1 9  DT  9  9  9  DT  DT  A . n 
A 1 10 DT  10 10 10 DT  DT  A . n 
A 1 11 DG  11 11 11 DG  DG  A . n 
A 1 12 DT  12 12 12 DT  DT3 A . n 
B 2 1  DA  1  13 13 DA  DA5 B . n 
B 2 2  DC  2  14 14 DC  DC  B . n 
B 2 3  DA  3  15 15 DA  DA  B . n 
B 2 4  DA  4  16 16 DA  DA  B . n 
B 2 5  DA  5  17 17 DA  DA  B . n 
B 2 6  DC  6  18 18 DC  DC  B . n 
B 2 7  DA  7  19 19 DA  DA  B . n 
B 2 8  DA  8  20 20 DA  DA  B . n 
B 2 9  DG  9  21 21 DG  DG  B . n 
B 2 10 DC  10 22 22 DC  DC  B . n 
B 2 11 DA  11 23 23 DA  DA  B . n 
B 2 12 DC  12 24 24 DC  DC3 B . n 
# 
_exptl.absorpt_coefficient_mu     ? 
_exptl.absorpt_correction_T_max   ? 
_exptl.absorpt_correction_T_min   ? 
_exptl.absorpt_correction_type    ? 
_exptl.absorpt_process_details    ? 
_exptl.crystals_number            ? 
_exptl.details                    ? 
_exptl.entry_id                   2LFY 
_exptl.method                     'SOLUTION NMR' 
_exptl.method_details             ? 
# 
_struct.entry_id                  2LFY 
_struct.title                     
;Structure of the duplex when (5'S)-8,5'-cyclo-2'-deoxyguanosine is placed opposite dA
;
_struct.pdbx_model_details        'closest to the average, model 1' 
_struct.pdbx_CASP_flag            ? 
_struct.pdbx_model_type_details   ? 
# 
_struct_keywords.entry_id        2LFY 
_struct_keywords.pdbx_keywords   DNA 
_struct_keywords.text            
;(5'S)-8, 5'-cyclo-2'-deoxyguanosine, cyclopurine, cyclo-dG, DNA
;
# 
loop_
_struct_asym.id 
_struct_asym.pdbx_blank_PDB_chainid_flag 
_struct_asym.pdbx_modified 
_struct_asym.entity_id 
_struct_asym.details 
A N N 1 ? 
B N N 2 ? 
# 
loop_
_struct_ref.id 
_struct_ref.db_name 
_struct_ref.db_code 
_struct_ref.pdbx_db_accession 
_struct_ref.entity_id 
_struct_ref.pdbx_align_begin 
_struct_ref.pdbx_seq_one_letter_code 
_struct_ref.pdbx_db_isoform 
1 PDB 2LFY 2LFY 1 ? ? ? 
2 PDB 2LFY 2LFY 2 ? ? ? 
# 
loop_
_struct_ref_seq.align_id 
_struct_ref_seq.ref_id 
_struct_ref_seq.pdbx_PDB_id_code 
_struct_ref_seq.pdbx_strand_id 
_struct_ref_seq.seq_align_beg 
_struct_ref_seq.pdbx_seq_align_beg_ins_code 
_struct_ref_seq.seq_align_end 
_struct_ref_seq.pdbx_seq_align_end_ins_code 
_struct_ref_seq.pdbx_db_accession 
_struct_ref_seq.db_align_beg 
_struct_ref_seq.pdbx_db_align_beg_ins_code 
_struct_ref_seq.db_align_end 
_struct_ref_seq.pdbx_db_align_end_ins_code 
_struct_ref_seq.pdbx_auth_seq_align_beg 
_struct_ref_seq.pdbx_auth_seq_align_end 
1 1 2LFY A 1 ? 12 ? 2LFY 1  ? 12 ? 1  12 
2 2 2LFY B 1 ? 12 ? 2LFY 13 ? 24 ? 13 24 
# 
_pdbx_struct_assembly.id                   1 
_pdbx_struct_assembly.details              author_defined_assembly 
_pdbx_struct_assembly.method_details       ? 
_pdbx_struct_assembly.oligomeric_details   dimeric 
_pdbx_struct_assembly.oligomeric_count     2 
# 
_pdbx_struct_assembly_gen.assembly_id       1 
_pdbx_struct_assembly_gen.oper_expression   1 
_pdbx_struct_assembly_gen.asym_id_list      A,B 
# 
_pdbx_struct_oper_list.id                   1 
_pdbx_struct_oper_list.type                 'identity operation' 
_pdbx_struct_oper_list.name                 1_555 
_pdbx_struct_oper_list.symmetry_operation   x,y,z 
_pdbx_struct_oper_list.matrix[1][1]         1.0000000000 
_pdbx_struct_oper_list.matrix[1][2]         0.0000000000 
_pdbx_struct_oper_list.matrix[1][3]         0.0000000000 
_pdbx_struct_oper_list.vector[1]            0.0000000000 
_pdbx_struct_oper_list.matrix[2][1]         0.0000000000 
_pdbx_struct_oper_list.matrix[2][2]         1.0000000000 
_pdbx_struct_oper_list.matrix[2][3]         0.0000000000 
_pdbx_struct_oper_list.vector[2]            0.0000000000 
_pdbx_struct_oper_list.matrix[3][1]         0.0000000000 
_pdbx_struct_oper_list.matrix[3][2]         0.0000000000 
_pdbx_struct_oper_list.matrix[3][3]         1.0000000000 
_pdbx_struct_oper_list.vector[3]            0.0000000000 
# 
_struct_biol.id        1 
_struct_biol.details   ? 
# 
loop_
_struct_conn.id 
_struct_conn.conn_type_id 
_struct_conn.pdbx_leaving_atom_flag 
_struct_conn.pdbx_PDB_id 
_struct_conn.ptnr1_label_asym_id 
_struct_conn.ptnr1_label_comp_id 
_struct_conn.ptnr1_label_seq_id 
_struct_conn.ptnr1_label_atom_id 
_struct_conn.pdbx_ptnr1_label_alt_id 
_struct_conn.pdbx_ptnr1_PDB_ins_code 
_struct_conn.pdbx_ptnr1_standard_comp_id 
_struct_conn.ptnr1_symmetry 
_struct_conn.ptnr2_label_asym_id 
_struct_conn.ptnr2_label_comp_id 
_struct_conn.ptnr2_label_seq_id 
_struct_conn.ptnr2_label_atom_id 
_struct_conn.pdbx_ptnr2_label_alt_id 
_struct_conn.pdbx_ptnr2_PDB_ins_code 
_struct_conn.ptnr1_auth_asym_id 
_struct_conn.ptnr1_auth_comp_id 
_struct_conn.ptnr1_auth_seq_id 
_struct_conn.ptnr2_auth_asym_id 
_struct_conn.ptnr2_auth_comp_id 
_struct_conn.ptnr2_auth_seq_id 
_struct_conn.ptnr2_symmetry 
_struct_conn.pdbx_ptnr3_label_atom_id 
_struct_conn.pdbx_ptnr3_label_seq_id 
_struct_conn.pdbx_ptnr3_label_comp_id 
_struct_conn.pdbx_ptnr3_label_asym_id 
_struct_conn.pdbx_ptnr3_label_alt_id 
_struct_conn.pdbx_ptnr3_PDB_ins_code 
_struct_conn.details 
_struct_conn.pdbx_dist_value 
_struct_conn.pdbx_value_order 
_struct_conn.pdbx_role 
covale1  covale both ? A DC  4  "O3'" ? ? ? 1_555 A 2LF 5  P  ? ? A DC  4  A 2LF 5  1_555 ? ? ? ? ? ? ?            1.611 ? ? 
covale2  covale both ? A 2LF 5  "O3'" ? ? ? 1_555 A DT  6  P  ? ? A 2LF 5  A DT  6  1_555 ? ? ? ? ? ? ?            1.596 ? ? 
hydrog1  hydrog ?    ? A DG  1  N1    ? ? ? 1_555 B DC  12 N3 ? ? A DG  1  B DC  24 1_555 ? ? ? ? ? ? WATSON-CRICK ?     ? ? 
hydrog2  hydrog ?    ? A DG  1  N2    ? ? ? 1_555 B DC  12 O2 ? ? A DG  1  B DC  24 1_555 ? ? ? ? ? ? WATSON-CRICK ?     ? ? 
hydrog3  hydrog ?    ? A DG  1  O6    ? ? ? 1_555 B DC  12 N4 ? ? A DG  1  B DC  24 1_555 ? ? ? ? ? ? WATSON-CRICK ?     ? ? 
hydrog4  hydrog ?    ? A DT  2  N3    ? ? ? 1_555 B DA  11 N1 ? ? A DT  2  B DA  23 1_555 ? ? ? ? ? ? WATSON-CRICK ?     ? ? 
hydrog5  hydrog ?    ? A DT  2  O4    ? ? ? 1_555 B DA  11 N6 ? ? A DT  2  B DA  23 1_555 ? ? ? ? ? ? WATSON-CRICK ?     ? ? 
hydrog6  hydrog ?    ? A DG  3  N1    ? ? ? 1_555 B DC  10 N3 ? ? A DG  3  B DC  22 1_555 ? ? ? ? ? ? WATSON-CRICK ?     ? ? 
hydrog7  hydrog ?    ? A DG  3  N2    ? ? ? 1_555 B DC  10 O2 ? ? A DG  3  B DC  22 1_555 ? ? ? ? ? ? WATSON-CRICK ?     ? ? 
hydrog8  hydrog ?    ? A DG  3  O6    ? ? ? 1_555 B DC  10 N4 ? ? A DG  3  B DC  22 1_555 ? ? ? ? ? ? WATSON-CRICK ?     ? ? 
hydrog9  hydrog ?    ? A DC  4  N3    ? ? ? 1_555 B DG  9  N1 ? ? A DC  4  B DG  21 1_555 ? ? ? ? ? ? WATSON-CRICK ?     ? ? 
hydrog10 hydrog ?    ? A DC  4  N4    ? ? ? 1_555 B DG  9  O6 ? ? A DC  4  B DG  21 1_555 ? ? ? ? ? ? WATSON-CRICK ?     ? ? 
hydrog11 hydrog ?    ? A DC  4  O2    ? ? ? 1_555 B DG  9  N2 ? ? A DC  4  B DG  21 1_555 ? ? ? ? ? ? WATSON-CRICK ?     ? ? 
hydrog12 hydrog ?    ? A DT  6  N3    ? ? ? 1_555 B DA  7  N1 ? ? A DT  6  B DA  19 1_555 ? ? ? ? ? ? WATSON-CRICK ?     ? ? 
hydrog13 hydrog ?    ? A DT  6  O4    ? ? ? 1_555 B DA  7  N6 ? ? A DT  6  B DA  19 1_555 ? ? ? ? ? ? WATSON-CRICK ?     ? ? 
hydrog14 hydrog ?    ? A DG  7  N1    ? ? ? 1_555 B DC  6  N3 ? ? A DG  7  B DC  18 1_555 ? ? ? ? ? ? WATSON-CRICK ?     ? ? 
hydrog15 hydrog ?    ? A DG  7  N2    ? ? ? 1_555 B DC  6  O2 ? ? A DG  7  B DC  18 1_555 ? ? ? ? ? ? WATSON-CRICK ?     ? ? 
hydrog16 hydrog ?    ? A DG  7  O6    ? ? ? 1_555 B DC  6  N4 ? ? A DG  7  B DC  18 1_555 ? ? ? ? ? ? WATSON-CRICK ?     ? ? 
hydrog17 hydrog ?    ? A DT  8  N3    ? ? ? 1_555 B DA  5  N1 ? ? A DT  8  B DA  17 1_555 ? ? ? ? ? ? WATSON-CRICK ?     ? ? 
hydrog18 hydrog ?    ? A DT  8  O4    ? ? ? 1_555 B DA  5  N6 ? ? A DT  8  B DA  17 1_555 ? ? ? ? ? ? WATSON-CRICK ?     ? ? 
hydrog19 hydrog ?    ? A DT  9  N3    ? ? ? 1_555 B DA  4  N1 ? ? A DT  9  B DA  16 1_555 ? ? ? ? ? ? WATSON-CRICK ?     ? ? 
hydrog20 hydrog ?    ? A DT  9  O4    ? ? ? 1_555 B DA  4  N6 ? ? A DT  9  B DA  16 1_555 ? ? ? ? ? ? WATSON-CRICK ?     ? ? 
hydrog21 hydrog ?    ? A DT  10 N3    ? ? ? 1_555 B DA  3  N1 ? ? A DT  10 B DA  15 1_555 ? ? ? ? ? ? WATSON-CRICK ?     ? ? 
hydrog22 hydrog ?    ? A DT  10 O4    ? ? ? 1_555 B DA  3  N6 ? ? A DT  10 B DA  15 1_555 ? ? ? ? ? ? WATSON-CRICK ?     ? ? 
hydrog23 hydrog ?    ? A DG  11 N1    ? ? ? 1_555 B DC  2  N3 ? ? A DG  11 B DC  14 1_555 ? ? ? ? ? ? WATSON-CRICK ?     ? ? 
hydrog24 hydrog ?    ? A DG  11 N2    ? ? ? 1_555 B DC  2  O2 ? ? A DG  11 B DC  14 1_555 ? ? ? ? ? ? WATSON-CRICK ?     ? ? 
hydrog25 hydrog ?    ? A DG  11 O6    ? ? ? 1_555 B DC  2  N4 ? ? A DG  11 B DC  14 1_555 ? ? ? ? ? ? WATSON-CRICK ?     ? ? 
hydrog26 hydrog ?    ? A DT  12 N3    ? ? ? 1_555 B DA  1  N1 ? ? A DT  12 B DA  13 1_555 ? ? ? ? ? ? WATSON-CRICK ?     ? ? 
hydrog27 hydrog ?    ? A DT  12 O4    ? ? ? 1_555 B DA  1  N6 ? ? A DT  12 B DA  13 1_555 ? ? ? ? ? ? WATSON-CRICK ?     ? ? 
# 
loop_
_struct_conn_type.id 
_struct_conn_type.criteria 
_struct_conn_type.reference 
covale ? ? 
hydrog ? ? 
# 
loop_
_pdbx_validate_rmsd_angle.id 
_pdbx_validate_rmsd_angle.PDB_model_num 
_pdbx_validate_rmsd_angle.auth_atom_id_1 
_pdbx_validate_rmsd_angle.auth_asym_id_1 
_pdbx_validate_rmsd_angle.auth_comp_id_1 
_pdbx_validate_rmsd_angle.auth_seq_id_1 
_pdbx_validate_rmsd_angle.PDB_ins_code_1 
_pdbx_validate_rmsd_angle.label_alt_id_1 
_pdbx_validate_rmsd_angle.auth_atom_id_2 
_pdbx_validate_rmsd_angle.auth_asym_id_2 
_pdbx_validate_rmsd_angle.auth_comp_id_2 
_pdbx_validate_rmsd_angle.auth_seq_id_2 
_pdbx_validate_rmsd_angle.PDB_ins_code_2 
_pdbx_validate_rmsd_angle.label_alt_id_2 
_pdbx_validate_rmsd_angle.auth_atom_id_3 
_pdbx_validate_rmsd_angle.auth_asym_id_3 
_pdbx_validate_rmsd_angle.auth_comp_id_3 
_pdbx_validate_rmsd_angle.auth_seq_id_3 
_pdbx_validate_rmsd_angle.PDB_ins_code_3 
_pdbx_validate_rmsd_angle.label_alt_id_3 
_pdbx_validate_rmsd_angle.angle_value 
_pdbx_validate_rmsd_angle.angle_target_value 
_pdbx_validate_rmsd_angle.angle_deviation 
_pdbx_validate_rmsd_angle.angle_standard_deviation 
_pdbx_validate_rmsd_angle.linker_flag 
1  1 "O4'" A DC 4  ? ? "C1'" A DC 4  ? ? N1 A DC 4  ? ? 110.73 108.30 2.43  0.30 N 
2  1 N3    A DC 4  ? ? C2    A DC 4  ? ? O2 A DC 4  ? ? 116.95 121.90 -4.95 0.70 N 
3  1 "O4'" A DG 7  ? ? "C1'" A DG 7  ? ? N9 A DG 7  ? ? 110.24 108.30 1.94  0.30 N 
4  1 C6    A DT 10 ? ? C5    A DT 10 ? ? C7 A DT 10 ? ? 119.25 122.90 -3.65 0.60 N 
5  1 "O4'" A DG 11 ? ? "C1'" A DG 11 ? ? N9 A DG 11 ? ? 110.70 108.30 2.40  0.30 N 
6  1 N1    A DG 11 ? ? C6    A DG 11 ? ? O6 A DG 11 ? ? 116.08 119.90 -3.82 0.60 N 
7  1 "O4'" A DT 12 ? ? "C1'" A DT 12 ? ? N1 A DT 12 ? ? 110.85 108.30 2.55  0.30 N 
8  1 C4    B DA 13 ? ? C5    B DA 13 ? ? C6 B DA 13 ? ? 113.59 117.00 -3.41 0.50 N 
9  1 C5    B DA 13 ? ? C6    B DA 13 ? ? N1 B DA 13 ? ? 121.02 117.70 3.32  0.50 N 
10 1 N1    B DA 13 ? ? C6    B DA 13 ? ? N6 B DA 13 ? ? 113.91 118.60 -4.69 0.60 N 
11 1 "O4'" B DC 14 ? ? "C1'" B DC 14 ? ? N1 B DC 14 ? ? 111.11 108.30 2.81  0.30 N 
12 1 N3    B DC 14 ? ? C2    B DC 14 ? ? O2 B DC 14 ? ? 117.43 121.90 -4.47 0.70 N 
13 1 C4    B DA 15 ? ? C5    B DA 15 ? ? C6 B DA 15 ? ? 113.54 117.00 -3.46 0.50 N 
14 1 C5    B DA 15 ? ? C6    B DA 15 ? ? N1 B DA 15 ? ? 121.53 117.70 3.83  0.50 N 
15 1 N1    B DA 15 ? ? C6    B DA 15 ? ? N6 B DA 15 ? ? 113.65 118.60 -4.95 0.60 N 
16 1 C4    B DA 16 ? ? C5    B DA 16 ? ? C6 B DA 16 ? ? 113.60 117.00 -3.40 0.50 N 
17 1 C5    B DA 16 ? ? C6    B DA 16 ? ? N1 B DA 16 ? ? 121.53 117.70 3.83  0.50 N 
18 1 N1    B DA 16 ? ? C6    B DA 16 ? ? N6 B DA 16 ? ? 114.12 118.60 -4.48 0.60 N 
19 1 C4    B DA 17 ? ? C5    B DA 17 ? ? C6 B DA 17 ? ? 113.60 117.00 -3.40 0.50 N 
20 1 C5    B DA 17 ? ? C6    B DA 17 ? ? N1 B DA 17 ? ? 121.69 117.70 3.99  0.50 N 
21 1 N1    B DA 17 ? ? C6    B DA 17 ? ? N6 B DA 17 ? ? 114.24 118.60 -4.36 0.60 N 
22 1 C4    B DA 19 ? ? C5    B DA 19 ? ? C6 B DA 19 ? ? 113.58 117.00 -3.42 0.50 N 
23 1 C5    B DA 19 ? ? C6    B DA 19 ? ? N1 B DA 19 ? ? 121.52 117.70 3.82  0.50 N 
24 1 N1    B DA 19 ? ? C6    B DA 19 ? ? N6 B DA 19 ? ? 113.80 118.60 -4.80 0.60 N 
25 1 C4    B DA 20 ? ? C5    B DA 20 ? ? C6 B DA 20 ? ? 113.70 117.00 -3.30 0.50 N 
26 1 C5    B DA 20 ? ? C6    B DA 20 ? ? N1 B DA 20 ? ? 121.03 117.70 3.33  0.50 N 
27 1 N1    B DA 20 ? ? C6    B DA 20 ? ? N6 B DA 20 ? ? 113.57 118.60 -5.03 0.60 N 
28 1 N3    B DC 22 ? ? C2    B DC 22 ? ? O2 B DC 22 ? ? 117.33 121.90 -4.57 0.70 N 
29 1 C4    B DA 23 ? ? C5    B DA 23 ? ? C6 B DA 23 ? ? 113.68 117.00 -3.32 0.50 N 
30 1 C5    B DA 23 ? ? C6    B DA 23 ? ? N1 B DA 23 ? ? 121.46 117.70 3.76  0.50 N 
31 1 N1    B DA 23 ? ? C6    B DA 23 ? ? N6 B DA 23 ? ? 113.49 118.60 -5.11 0.60 N 
32 1 N3    B DC 24 ? ? C2    B DC 24 ? ? O2 B DC 24 ? ? 117.68 121.90 -4.22 0.70 N 
# 
_pdbx_validate_planes.id              1 
_pdbx_validate_planes.PDB_model_num   1 
_pdbx_validate_planes.auth_comp_id    DT 
_pdbx_validate_planes.auth_asym_id    A 
_pdbx_validate_planes.auth_seq_id     2 
_pdbx_validate_planes.PDB_ins_code    ? 
_pdbx_validate_planes.label_alt_id    ? 
_pdbx_validate_planes.rmsd            0.094 
_pdbx_validate_planes.type            'SIDE CHAIN' 
# 
_pdbx_nmr_ensemble.average_constraint_violations_per_residue     ? 
_pdbx_nmr_ensemble.average_constraints_per_residue               ? 
_pdbx_nmr_ensemble.average_distance_constraint_violation         ? 
_pdbx_nmr_ensemble.average_torsion_angle_constraint_violation    ? 
_pdbx_nmr_ensemble.conformer_selection_criteria                  'back calculated data agree with experimental NOESY spectrum' 
_pdbx_nmr_ensemble.conformers_calculated_total_number            10 
_pdbx_nmr_ensemble.conformers_submitted_total_number             1 
_pdbx_nmr_ensemble.distance_constraint_violation_method          ? 
_pdbx_nmr_ensemble.entry_id                                      2LFY 
_pdbx_nmr_ensemble.maximum_distance_constraint_violation         ? 
_pdbx_nmr_ensemble.maximum_lower_distance_constraint_violation   ? 
_pdbx_nmr_ensemble.maximum_torsion_angle_constraint_violation    ? 
_pdbx_nmr_ensemble.maximum_upper_distance_constraint_violation   ? 
_pdbx_nmr_ensemble.torsion_angle_constraint_violation_method     ? 
# 
_pdbx_nmr_representative.conformer_id         1 
_pdbx_nmr_representative.entry_id             2LFY 
_pdbx_nmr_representative.selection_criteria   'closest to the average' 
# 
_pdbx_nmr_sample_details.contents         
;1.0 mM DNA (5'-D(*GP*TP*GP*CP*TP*GP*TP*TP*TP*GP*T)-3'), 1.0 mM DNA (5'-D(*AP*CP*AP*AP*AP*CP*AP*CP*GP*CP*AP*C)-3'), 100% D2O
;
_pdbx_nmr_sample_details.solution_id      1 
_pdbx_nmr_sample_details.solvent_system   '100% D2O' 
# 
loop_
_pdbx_nmr_exptl_sample.component 
_pdbx_nmr_exptl_sample.concentration 
_pdbx_nmr_exptl_sample.concentration_range 
_pdbx_nmr_exptl_sample.concentration_units 
_pdbx_nmr_exptl_sample.isotopic_labeling 
_pdbx_nmr_exptl_sample.solution_id 
;DNA (5'-D(*GP*TP*GP*CP*TP*GP*TP*TP*TP*GP*T)-3')-1
;
1.0 ? mM ? 1 
;DNA (5'-D(*AP*CP*AP*AP*AP*CP*AP*CP*GP*CP*AP*C)-3')-2
;
1.0 ? mM ? 1 
# 
_pdbx_nmr_exptl_sample_conditions.conditions_id       1 
_pdbx_nmr_exptl_sample_conditions.ionic_strength      100 
_pdbx_nmr_exptl_sample_conditions.pH                  7.0 
_pdbx_nmr_exptl_sample_conditions.pressure            ambient 
_pdbx_nmr_exptl_sample_conditions.pressure_units      ? 
_pdbx_nmr_exptl_sample_conditions.temperature         298 
_pdbx_nmr_exptl_sample_conditions.temperature_units   K 
# 
loop_
_pdbx_nmr_exptl.conditions_id 
_pdbx_nmr_exptl.experiment_id 
_pdbx_nmr_exptl.solution_id 
_pdbx_nmr_exptl.type 
1 1 1 '2D 1H-1H NOESY' 
1 2 1 '2D 1H-1H COSY'  
# 
_pdbx_nmr_refine.entry_id           2LFY 
_pdbx_nmr_refine.method             'simulated annealing' 
_pdbx_nmr_refine.details            ? 
_pdbx_nmr_refine.software_ordinal   1 
# 
_pdbx_nmr_software.authors          'Case, Darden, Cheatham, III, Simmerling, Wang, Duke, Luo, and Kollm' 
_pdbx_nmr_software.classification   refinement 
_pdbx_nmr_software.name             Amber 
_pdbx_nmr_software.version          10 
_pdbx_nmr_software.ordinal          1 
# 
loop_
_chem_comp_atom.comp_id 
_chem_comp_atom.atom_id 
_chem_comp_atom.type_symbol 
_chem_comp_atom.pdbx_aromatic_flag 
_chem_comp_atom.pdbx_stereo_config 
_chem_comp_atom.pdbx_ordinal 
2LF P      P N N 1   
2LF N1     N N N 2   
2LF C2     C N N 3   
2LF N2     N N N 4   
2LF N3     N N N 5   
2LF C4     C Y N 6   
2LF C5     C Y N 7   
2LF C6     C N N 8   
2LF O6     O N N 9   
2LF N7     N Y N 10  
2LF C8     C Y N 11  
2LF N9     N Y N 12  
2LF "C1'"  C N R 13  
2LF OP3    O N N 14  
2LF "C2'"  C N N 15  
2LF OP2    O N N 16  
2LF "C3'"  C N S 17  
2LF "O3'"  O N N 18  
2LF "C4'"  C N S 19  
2LF "O4'"  O N N 20  
2LF "C5'"  C N S 21  
2LF "O5'"  O N N 22  
2LF HN1    H N N 23  
2LF "H1'"  H N N 24  
2LF "H2'"  H N N 25  
2LF "H'2'" H N N 26  
2LF HN2    H N N 27  
2LF HN2A   H N N 28  
2LF "H3'"  H N N 29  
2LF "H4'"  H N N 30  
2LF "H5'"  H N N 31  
2LF HOP3   H N N 32  
2LF HOP2   H N N 33  
2LF "HO3'" H N N 34  
2LF OP1    O N N 35  
DA  OP3    O N N 36  
DA  P      P N N 37  
DA  OP1    O N N 38  
DA  OP2    O N N 39  
DA  "O5'"  O N N 40  
DA  "C5'"  C N N 41  
DA  "C4'"  C N R 42  
DA  "O4'"  O N N 43  
DA  "C3'"  C N S 44  
DA  "O3'"  O N N 45  
DA  "C2'"  C N N 46  
DA  "C1'"  C N R 47  
DA  N9     N Y N 48  
DA  C8     C Y N 49  
DA  N7     N Y N 50  
DA  C5     C Y N 51  
DA  C6     C Y N 52  
DA  N6     N N N 53  
DA  N1     N Y N 54  
DA  C2     C Y N 55  
DA  N3     N Y N 56  
DA  C4     C Y N 57  
DA  HOP3   H N N 58  
DA  HOP2   H N N 59  
DA  "H5'"  H N N 60  
DA  "H5''" H N N 61  
DA  "H4'"  H N N 62  
DA  "H3'"  H N N 63  
DA  "HO3'" H N N 64  
DA  "H2'"  H N N 65  
DA  "H2''" H N N 66  
DA  "H1'"  H N N 67  
DA  H8     H N N 68  
DA  H61    H N N 69  
DA  H62    H N N 70  
DA  H2     H N N 71  
DC  OP3    O N N 72  
DC  P      P N N 73  
DC  OP1    O N N 74  
DC  OP2    O N N 75  
DC  "O5'"  O N N 76  
DC  "C5'"  C N N 77  
DC  "C4'"  C N R 78  
DC  "O4'"  O N N 79  
DC  "C3'"  C N S 80  
DC  "O3'"  O N N 81  
DC  "C2'"  C N N 82  
DC  "C1'"  C N R 83  
DC  N1     N N N 84  
DC  C2     C N N 85  
DC  O2     O N N 86  
DC  N3     N N N 87  
DC  C4     C N N 88  
DC  N4     N N N 89  
DC  C5     C N N 90  
DC  C6     C N N 91  
DC  HOP3   H N N 92  
DC  HOP2   H N N 93  
DC  "H5'"  H N N 94  
DC  "H5''" H N N 95  
DC  "H4'"  H N N 96  
DC  "H3'"  H N N 97  
DC  "HO3'" H N N 98  
DC  "H2'"  H N N 99  
DC  "H2''" H N N 100 
DC  "H1'"  H N N 101 
DC  H41    H N N 102 
DC  H42    H N N 103 
DC  H5     H N N 104 
DC  H6     H N N 105 
DG  OP3    O N N 106 
DG  P      P N N 107 
DG  OP1    O N N 108 
DG  OP2    O N N 109 
DG  "O5'"  O N N 110 
DG  "C5'"  C N N 111 
DG  "C4'"  C N R 112 
DG  "O4'"  O N N 113 
DG  "C3'"  C N S 114 
DG  "O3'"  O N N 115 
DG  "C2'"  C N N 116 
DG  "C1'"  C N R 117 
DG  N9     N Y N 118 
DG  C8     C Y N 119 
DG  N7     N Y N 120 
DG  C5     C Y N 121 
DG  C6     C N N 122 
DG  O6     O N N 123 
DG  N1     N N N 124 
DG  C2     C N N 125 
DG  N2     N N N 126 
DG  N3     N N N 127 
DG  C4     C Y N 128 
DG  HOP3   H N N 129 
DG  HOP2   H N N 130 
DG  "H5'"  H N N 131 
DG  "H5''" H N N 132 
DG  "H4'"  H N N 133 
DG  "H3'"  H N N 134 
DG  "HO3'" H N N 135 
DG  "H2'"  H N N 136 
DG  "H2''" H N N 137 
DG  "H1'"  H N N 138 
DG  H8     H N N 139 
DG  H1     H N N 140 
DG  H21    H N N 141 
DG  H22    H N N 142 
DT  OP3    O N N 143 
DT  P      P N N 144 
DT  OP1    O N N 145 
DT  OP2    O N N 146 
DT  "O5'"  O N N 147 
DT  "C5'"  C N N 148 
DT  "C4'"  C N R 149 
DT  "O4'"  O N N 150 
DT  "C3'"  C N S 151 
DT  "O3'"  O N N 152 
DT  "C2'"  C N N 153 
DT  "C1'"  C N R 154 
DT  N1     N N N 155 
DT  C2     C N N 156 
DT  O2     O N N 157 
DT  N3     N N N 158 
DT  C4     C N N 159 
DT  O4     O N N 160 
DT  C5     C N N 161 
DT  C7     C N N 162 
DT  C6     C N N 163 
DT  HOP3   H N N 164 
DT  HOP2   H N N 165 
DT  "H5'"  H N N 166 
DT  "H5''" H N N 167 
DT  "H4'"  H N N 168 
DT  "H3'"  H N N 169 
DT  "HO3'" H N N 170 
DT  "H2'"  H N N 171 
DT  "H2''" H N N 172 
DT  "H1'"  H N N 173 
DT  H3     H N N 174 
DT  H71    H N N 175 
DT  H72    H N N 176 
DT  H73    H N N 177 
DT  H6     H N N 178 
# 
loop_
_chem_comp_bond.comp_id 
_chem_comp_bond.atom_id_1 
_chem_comp_bond.atom_id_2 
_chem_comp_bond.value_order 
_chem_comp_bond.pdbx_aromatic_flag 
_chem_comp_bond.pdbx_stereo_config 
_chem_comp_bond.pdbx_ordinal 
2LF P     OP2    sing N N 1   
2LF P     "O5'"  sing N N 2   
2LF N1    HN1    sing N N 3   
2LF N1    C2     sing N N 4   
2LF C2    N2     sing N N 5   
2LF N2    HN2A   sing N N 6   
2LF N2    HN2    sing N N 7   
2LF N3    C2     doub N N 8   
2LF C4    N3     sing N N 9   
2LF C5    C4     doub Y N 10  
2LF C5    C6     sing N N 11  
2LF C6    N1     sing N N 12  
2LF O6    C6     doub N N 13  
2LF N7    C5     sing Y N 14  
2LF N7    C8     doub Y N 15  
2LF C8    N9     sing Y N 16  
2LF N9    C4     sing Y N 17  
2LF N9    "C1'"  sing N N 18  
2LF "C1'" "H1'"  sing N N 19  
2LF "C1'" "C2'"  sing N N 20  
2LF OP3   P      sing N N 21  
2LF OP3   HOP3   sing N N 22  
2LF "C2'" "H'2'" sing N N 23  
2LF "C2'" "H2'"  sing N N 24  
2LF OP2   HOP2   sing N N 25  
2LF "C3'" "C2'"  sing N N 26  
2LF "C3'" "H3'"  sing N N 27  
2LF "C3'" "O3'"  sing N N 28  
2LF "O3'" "HO3'" sing N N 29  
2LF "C4'" "C3'"  sing N N 30  
2LF "O4'" "C1'"  sing N N 31  
2LF "O4'" "C4'"  sing N N 32  
2LF "C5'" C8     sing N N 33  
2LF "C5'" "C4'"  sing N N 34  
2LF "O5'" "C5'"  sing N N 35  
2LF "H4'" "C4'"  sing N N 36  
2LF "H5'" "C5'"  sing N N 37  
2LF P     OP1    doub N N 38  
DA  OP3   P      sing N N 39  
DA  OP3   HOP3   sing N N 40  
DA  P     OP1    doub N N 41  
DA  P     OP2    sing N N 42  
DA  P     "O5'"  sing N N 43  
DA  OP2   HOP2   sing N N 44  
DA  "O5'" "C5'"  sing N N 45  
DA  "C5'" "C4'"  sing N N 46  
DA  "C5'" "H5'"  sing N N 47  
DA  "C5'" "H5''" sing N N 48  
DA  "C4'" "O4'"  sing N N 49  
DA  "C4'" "C3'"  sing N N 50  
DA  "C4'" "H4'"  sing N N 51  
DA  "O4'" "C1'"  sing N N 52  
DA  "C3'" "O3'"  sing N N 53  
DA  "C3'" "C2'"  sing N N 54  
DA  "C3'" "H3'"  sing N N 55  
DA  "O3'" "HO3'" sing N N 56  
DA  "C2'" "C1'"  sing N N 57  
DA  "C2'" "H2'"  sing N N 58  
DA  "C2'" "H2''" sing N N 59  
DA  "C1'" N9     sing N N 60  
DA  "C1'" "H1'"  sing N N 61  
DA  N9    C8     sing Y N 62  
DA  N9    C4     sing Y N 63  
DA  C8    N7     doub Y N 64  
DA  C8    H8     sing N N 65  
DA  N7    C5     sing Y N 66  
DA  C5    C6     sing Y N 67  
DA  C5    C4     doub Y N 68  
DA  C6    N6     sing N N 69  
DA  C6    N1     doub Y N 70  
DA  N6    H61    sing N N 71  
DA  N6    H62    sing N N 72  
DA  N1    C2     sing Y N 73  
DA  C2    N3     doub Y N 74  
DA  C2    H2     sing N N 75  
DA  N3    C4     sing Y N 76  
DC  OP3   P      sing N N 77  
DC  OP3   HOP3   sing N N 78  
DC  P     OP1    doub N N 79  
DC  P     OP2    sing N N 80  
DC  P     "O5'"  sing N N 81  
DC  OP2   HOP2   sing N N 82  
DC  "O5'" "C5'"  sing N N 83  
DC  "C5'" "C4'"  sing N N 84  
DC  "C5'" "H5'"  sing N N 85  
DC  "C5'" "H5''" sing N N 86  
DC  "C4'" "O4'"  sing N N 87  
DC  "C4'" "C3'"  sing N N 88  
DC  "C4'" "H4'"  sing N N 89  
DC  "O4'" "C1'"  sing N N 90  
DC  "C3'" "O3'"  sing N N 91  
DC  "C3'" "C2'"  sing N N 92  
DC  "C3'" "H3'"  sing N N 93  
DC  "O3'" "HO3'" sing N N 94  
DC  "C2'" "C1'"  sing N N 95  
DC  "C2'" "H2'"  sing N N 96  
DC  "C2'" "H2''" sing N N 97  
DC  "C1'" N1     sing N N 98  
DC  "C1'" "H1'"  sing N N 99  
DC  N1    C2     sing N N 100 
DC  N1    C6     sing N N 101 
DC  C2    O2     doub N N 102 
DC  C2    N3     sing N N 103 
DC  N3    C4     doub N N 104 
DC  C4    N4     sing N N 105 
DC  C4    C5     sing N N 106 
DC  N4    H41    sing N N 107 
DC  N4    H42    sing N N 108 
DC  C5    C6     doub N N 109 
DC  C5    H5     sing N N 110 
DC  C6    H6     sing N N 111 
DG  OP3   P      sing N N 112 
DG  OP3   HOP3   sing N N 113 
DG  P     OP1    doub N N 114 
DG  P     OP2    sing N N 115 
DG  P     "O5'"  sing N N 116 
DG  OP2   HOP2   sing N N 117 
DG  "O5'" "C5'"  sing N N 118 
DG  "C5'" "C4'"  sing N N 119 
DG  "C5'" "H5'"  sing N N 120 
DG  "C5'" "H5''" sing N N 121 
DG  "C4'" "O4'"  sing N N 122 
DG  "C4'" "C3'"  sing N N 123 
DG  "C4'" "H4'"  sing N N 124 
DG  "O4'" "C1'"  sing N N 125 
DG  "C3'" "O3'"  sing N N 126 
DG  "C3'" "C2'"  sing N N 127 
DG  "C3'" "H3'"  sing N N 128 
DG  "O3'" "HO3'" sing N N 129 
DG  "C2'" "C1'"  sing N N 130 
DG  "C2'" "H2'"  sing N N 131 
DG  "C2'" "H2''" sing N N 132 
DG  "C1'" N9     sing N N 133 
DG  "C1'" "H1'"  sing N N 134 
DG  N9    C8     sing Y N 135 
DG  N9    C4     sing Y N 136 
DG  C8    N7     doub Y N 137 
DG  C8    H8     sing N N 138 
DG  N7    C5     sing Y N 139 
DG  C5    C6     sing N N 140 
DG  C5    C4     doub Y N 141 
DG  C6    O6     doub N N 142 
DG  C6    N1     sing N N 143 
DG  N1    C2     sing N N 144 
DG  N1    H1     sing N N 145 
DG  C2    N2     sing N N 146 
DG  C2    N3     doub N N 147 
DG  N2    H21    sing N N 148 
DG  N2    H22    sing N N 149 
DG  N3    C4     sing N N 150 
DT  OP3   P      sing N N 151 
DT  OP3   HOP3   sing N N 152 
DT  P     OP1    doub N N 153 
DT  P     OP2    sing N N 154 
DT  P     "O5'"  sing N N 155 
DT  OP2   HOP2   sing N N 156 
DT  "O5'" "C5'"  sing N N 157 
DT  "C5'" "C4'"  sing N N 158 
DT  "C5'" "H5'"  sing N N 159 
DT  "C5'" "H5''" sing N N 160 
DT  "C4'" "O4'"  sing N N 161 
DT  "C4'" "C3'"  sing N N 162 
DT  "C4'" "H4'"  sing N N 163 
DT  "O4'" "C1'"  sing N N 164 
DT  "C3'" "O3'"  sing N N 165 
DT  "C3'" "C2'"  sing N N 166 
DT  "C3'" "H3'"  sing N N 167 
DT  "O3'" "HO3'" sing N N 168 
DT  "C2'" "C1'"  sing N N 169 
DT  "C2'" "H2'"  sing N N 170 
DT  "C2'" "H2''" sing N N 171 
DT  "C1'" N1     sing N N 172 
DT  "C1'" "H1'"  sing N N 173 
DT  N1    C2     sing N N 174 
DT  N1    C6     sing N N 175 
DT  C2    O2     doub N N 176 
DT  C2    N3     sing N N 177 
DT  N3    C4     sing N N 178 
DT  N3    H3     sing N N 179 
DT  C4    O4     doub N N 180 
DT  C4    C5     sing N N 181 
DT  C5    C7     sing N N 182 
DT  C5    C6     doub N N 183 
DT  C7    H71    sing N N 184 
DT  C7    H72    sing N N 185 
DT  C7    H73    sing N N 186 
DT  C6    H6     sing N N 187 
# 
loop_
_ndb_struct_conf_na.entry_id 
_ndb_struct_conf_na.feature 
2LFY 'b-form double helix'  
2LFY 'mismatched base pair' 
# 
loop_
_ndb_struct_na_base_pair.model_number 
_ndb_struct_na_base_pair.i_label_asym_id 
_ndb_struct_na_base_pair.i_label_comp_id 
_ndb_struct_na_base_pair.i_label_seq_id 
_ndb_struct_na_base_pair.i_symmetry 
_ndb_struct_na_base_pair.j_label_asym_id 
_ndb_struct_na_base_pair.j_label_comp_id 
_ndb_struct_na_base_pair.j_label_seq_id 
_ndb_struct_na_base_pair.j_symmetry 
_ndb_struct_na_base_pair.shear 
_ndb_struct_na_base_pair.stretch 
_ndb_struct_na_base_pair.stagger 
_ndb_struct_na_base_pair.buckle 
_ndb_struct_na_base_pair.propeller 
_ndb_struct_na_base_pair.opening 
_ndb_struct_na_base_pair.pair_number 
_ndb_struct_na_base_pair.pair_name 
_ndb_struct_na_base_pair.i_auth_asym_id 
_ndb_struct_na_base_pair.i_auth_seq_id 
_ndb_struct_na_base_pair.i_PDB_ins_code 
_ndb_struct_na_base_pair.j_auth_asym_id 
_ndb_struct_na_base_pair.j_auth_seq_id 
_ndb_struct_na_base_pair.j_PDB_ins_code 
_ndb_struct_na_base_pair.hbond_type_28 
_ndb_struct_na_base_pair.hbond_type_12 
1 A DG 1  1_555 B DC 12 1_555 -0.337 -0.107 0.338  8.827   12.320  1.798  1  A_DG1:DC24_B  A 1  ? B 24 ? 19 1 
1 A DT 2  1_555 B DA 11 1_555 -0.220 0.035  -0.437 8.757   -7.820  -2.904 2  A_DT2:DA23_B  A 2  ? B 23 ? 20 1 
1 A DG 3  1_555 B DC 10 1_555 -0.270 -0.079 0.376  11.469  6.948   -0.507 3  A_DG3:DC22_B  A 3  ? B 22 ? 19 1 
1 A DC 4  1_555 B DG 9  1_555 0.300  -0.057 -0.287 21.202  1.320   -0.029 4  A_DC4:DG21_B  A 4  ? B 21 ? 19 1 
1 A DT 6  1_555 B DA 7  1_555 -0.191 0.064  -0.057 -14.702 18.381  -5.756 5  A_DT6:DA19_B  A 6  ? B 19 ? 20 1 
1 A DG 7  1_555 B DC 6  1_555 -0.053 -0.047 0.134  -3.114  2.110   -0.095 6  A_DG7:DC18_B  A 7  ? B 18 ? 19 1 
1 A DT 8  1_555 B DA 5  1_555 -0.253 0.025  -0.066 1.244   -11.324 -4.675 7  A_DT8:DA17_B  A 8  ? B 17 ? 20 1 
1 A DT 9  1_555 B DA 4  1_555 -0.183 -0.011 -0.355 4.047   -17.051 -2.110 8  A_DT9:DA16_B  A 9  ? B 16 ? 20 1 
1 A DT 10 1_555 B DA 3  1_555 0.001  -0.059 -0.525 2.458   -14.717 -0.711 9  A_DT10:DA15_B A 10 ? B 15 ? 20 1 
1 A DG 11 1_555 B DC 2  1_555 -0.342 -0.098 0.043  -15.937 -17.917 -0.930 10 A_DG11:DC14_B A 11 ? B 14 ? 19 1 
1 A DT 12 1_555 B DA 1  1_555 -0.150 -0.028 0.754  -22.318 -12.995 -2.090 11 A_DT12:DA13_B A 12 ? B 13 ? 20 1 
# 
loop_
_ndb_struct_na_base_pair_step.model_number 
_ndb_struct_na_base_pair_step.i_label_asym_id_1 
_ndb_struct_na_base_pair_step.i_label_comp_id_1 
_ndb_struct_na_base_pair_step.i_label_seq_id_1 
_ndb_struct_na_base_pair_step.i_symmetry_1 
_ndb_struct_na_base_pair_step.j_label_asym_id_1 
_ndb_struct_na_base_pair_step.j_label_comp_id_1 
_ndb_struct_na_base_pair_step.j_label_seq_id_1 
_ndb_struct_na_base_pair_step.j_symmetry_1 
_ndb_struct_na_base_pair_step.i_label_asym_id_2 
_ndb_struct_na_base_pair_step.i_label_comp_id_2 
_ndb_struct_na_base_pair_step.i_label_seq_id_2 
_ndb_struct_na_base_pair_step.i_symmetry_2 
_ndb_struct_na_base_pair_step.j_label_asym_id_2 
_ndb_struct_na_base_pair_step.j_label_comp_id_2 
_ndb_struct_na_base_pair_step.j_label_seq_id_2 
_ndb_struct_na_base_pair_step.j_symmetry_2 
_ndb_struct_na_base_pair_step.shift 
_ndb_struct_na_base_pair_step.slide 
_ndb_struct_na_base_pair_step.rise 
_ndb_struct_na_base_pair_step.tilt 
_ndb_struct_na_base_pair_step.roll 
_ndb_struct_na_base_pair_step.twist 
_ndb_struct_na_base_pair_step.x_displacement 
_ndb_struct_na_base_pair_step.y_displacement 
_ndb_struct_na_base_pair_step.helical_rise 
_ndb_struct_na_base_pair_step.inclination 
_ndb_struct_na_base_pair_step.tip 
_ndb_struct_na_base_pair_step.helical_twist 
_ndb_struct_na_base_pair_step.step_number 
_ndb_struct_na_base_pair_step.step_name 
_ndb_struct_na_base_pair_step.i_auth_asym_id_1 
_ndb_struct_na_base_pair_step.i_auth_seq_id_1 
_ndb_struct_na_base_pair_step.i_PDB_ins_code_1 
_ndb_struct_na_base_pair_step.j_auth_asym_id_1 
_ndb_struct_na_base_pair_step.j_auth_seq_id_1 
_ndb_struct_na_base_pair_step.j_PDB_ins_code_1 
_ndb_struct_na_base_pair_step.i_auth_asym_id_2 
_ndb_struct_na_base_pair_step.i_auth_seq_id_2 
_ndb_struct_na_base_pair_step.i_PDB_ins_code_2 
_ndb_struct_na_base_pair_step.j_auth_asym_id_2 
_ndb_struct_na_base_pair_step.j_auth_seq_id_2 
_ndb_struct_na_base_pair_step.j_PDB_ins_code_2 
1 A DG 1  1_555 B DC 12 1_555 A DT 2  1_555 B DA 11 1_555 -0.687 -0.923 3.510 8.225  -0.251 32.345 -1.565 2.632  3.249 -0.442 
-14.475 33.348 1 AA_DG1DT2:DA23DC24_BB   A 1  ? B 24 ? A 2  ? B 23 ? 
1 A DT 2  1_555 B DA 11 1_555 A DG 3  1_555 B DC 10 1_555 0.440  -0.685 3.147 -7.519 9.585  32.183 -2.541 -1.829 2.674 16.568 
12.997  34.354 2 AA_DT2DG3:DC22DA23_BB   A 2  ? B 23 ? A 3  ? B 22 ? 
1 A DG 3  1_555 B DC 10 1_555 A DC 4  1_555 B DG 9  1_555 0.270  -0.501 3.178 4.952  3.672  28.805 -1.746 0.496  3.094 7.275  
-9.812  29.444 3 AA_DG3DC4:DG21DC22_BB   A 3  ? B 22 ? A 4  ? B 21 ? 
1 A DT 6  1_555 B DA 7  1_555 A DG 7  1_555 B DC 6  1_555 0.670  -0.834 3.111 -0.472 10.661 27.738 -3.659 -1.398 2.607 21.267 
0.941   29.682 4 AA_DT6DG7:DC18DA19_BB   A 6  ? B 19 ? A 7  ? B 18 ? 
1 A DG 7  1_555 B DC 6  1_555 A DT 8  1_555 B DA 5  1_555 -0.824 -0.783 3.244 2.056  4.630  32.647 -2.137 1.786  3.051 8.175  
-3.630  33.027 5 AA_DG7DT8:DA17DC18_BB   A 7  ? B 18 ? A 8  ? B 17 ? 
1 A DT 8  1_555 B DA 5  1_555 A DT 9  1_555 B DA 4  1_555 0.300  -0.456 3.198 2.088  1.712  34.291 -1.032 -0.188 3.185 2.898  
-3.534  34.394 6 AA_DT8DT9:DA16DA17_BB   A 8  ? B 17 ? A 9  ? B 16 ? 
1 A DT 9  1_555 B DA 4  1_555 A DT 10 1_555 B DA 3  1_555 0.226  -0.375 3.364 1.672  4.633  33.105 -1.434 -0.111 3.289 8.075  
-2.914  33.459 7 AA_DT9DT10:DA15DA16_BB  A 9  ? B 16 ? A 10 ? B 15 ? 
1 A DT 10 1_555 B DA 3  1_555 A DG 11 1_555 B DC 2  1_555 0.683  -1.153 3.646 -2.651 17.021 32.568 -4.223 -1.457 2.677 28.040 
4.367   36.734 8 AA_DT10DG11:DC14DA15_BB A 10 ? B 15 ? A 11 ? B 14 ? 
1 A DG 11 1_555 B DC 2  1_555 A DT 12 1_555 B DA 1  1_555 -0.333 -1.159 3.500 -3.634 -0.450 32.117 -1.997 -0.095 3.531 -0.810 
6.542   32.320 9 AA_DG11DT12:DA13DC14_BB A 11 ? B 14 ? A 12 ? B 13 ? 
# 
_pdbx_nmr_spectrometer.field_strength    800 
_pdbx_nmr_spectrometer.manufacturer      Bruker 
_pdbx_nmr_spectrometer.model             AVANCE 
_pdbx_nmr_spectrometer.spectrometer_id   1 
_pdbx_nmr_spectrometer.type              'Bruker Avance' 
# 
_atom_sites.entry_id                    2LFY 
_atom_sites.fract_transf_matrix[1][1]   1.000000 
_atom_sites.fract_transf_matrix[1][2]   0.000000 
_atom_sites.fract_transf_matrix[1][3]   0.000000 
_atom_sites.fract_transf_matrix[2][1]   0.000000 
_atom_sites.fract_transf_matrix[2][2]   1.000000 
_atom_sites.fract_transf_matrix[2][3]   0.000000 
_atom_sites.fract_transf_matrix[3][1]   0.000000 
_atom_sites.fract_transf_matrix[3][2]   0.000000 
_atom_sites.fract_transf_matrix[3][3]   1.000000 
_atom_sites.fract_transf_vector[1]      0.00000 
_atom_sites.fract_transf_vector[2]      0.00000 
_atom_sites.fract_transf_vector[3]      0.00000 
# 
loop_
_atom_type.symbol 
C 
H 
N 
O 
P 
# 
loop_
_atom_site.group_PDB 
_atom_site.id 
_atom_site.type_symbol 
_atom_site.label_atom_id 
_atom_site.label_alt_id 
_atom_site.label_comp_id 
_atom_site.label_asym_id 
_atom_site.label_entity_id 
_atom_site.label_seq_id 
_atom_site.pdbx_PDB_ins_code 
_atom_site.Cartn_x 
_atom_site.Cartn_y 
_atom_site.Cartn_z 
_atom_site.occupancy 
_atom_site.B_iso_or_equiv 
_atom_site.pdbx_formal_charge 
_atom_site.auth_seq_id 
_atom_site.auth_comp_id 
_atom_site.auth_asym_id 
_atom_site.auth_atom_id 
_atom_site.pdbx_PDB_model_num 
ATOM   1   O "O5'"  . DG  A 1 1  ? 0.427   -10.526 -19.009 1.00 0.00 ? 1  DG  A "O5'"  1 
ATOM   2   C "C5'"  . DG  A 1 1  ? 0.103   -9.358  -18.276 1.00 0.00 ? 1  DG  A "C5'"  1 
ATOM   3   C "C4'"  . DG  A 1 1  ? -1.406  -9.098  -18.377 1.00 0.00 ? 1  DG  A "C4'"  1 
ATOM   4   O "O4'"  . DG  A 1 1  ? -2.099  -10.262 -17.935 1.00 0.00 ? 1  DG  A "O4'"  1 
ATOM   5   C "C3'"  . DG  A 1 1  ? -1.830  -7.942  -17.478 1.00 0.00 ? 1  DG  A "C3'"  1 
ATOM   6   O "O3'"  . DG  A 1 1  ? -2.910  -7.274  -18.095 1.00 0.00 ? 1  DG  A "O3'"  1 
ATOM   7   C "C2'"  . DG  A 1 1  ? -2.228  -8.642  -16.186 1.00 0.00 ? 1  DG  A "C2'"  1 
ATOM   8   C "C1'"  . DG  A 1 1  ? -2.704  -10.012 -16.669 1.00 0.00 ? 1  DG  A "C1'"  1 
ATOM   9   N N9     . DG  A 1 1  ? -2.352  -11.096 -15.721 1.00 0.00 ? 1  DG  A N9     1 
ATOM   10  C C8     . DG  A 1 1  ? -1.142  -11.720 -15.549 1.00 0.00 ? 1  DG  A C8     1 
ATOM   11  N N7     . DG  A 1 1  ? -1.165  -12.728 -14.723 1.00 0.00 ? 1  DG  A N7     1 
ATOM   12  C C5     . DG  A 1 1  ? -2.498  -12.758 -14.275 1.00 0.00 ? 1  DG  A C5     1 
ATOM   13  C C6     . DG  A 1 1  ? -3.208  -13.649 -13.387 1.00 0.00 ? 1  DG  A C6     1 
ATOM   14  O O6     . DG  A 1 1  ? -2.813  -14.649 -12.786 1.00 0.00 ? 1  DG  A O6     1 
ATOM   15  N N1     . DG  A 1 1  ? -4.547  -13.342 -13.261 1.00 0.00 ? 1  DG  A N1     1 
ATOM   16  C C2     . DG  A 1 1  ? -5.153  -12.313 -13.893 1.00 0.00 ? 1  DG  A C2     1 
ATOM   17  N N2     . DG  A 1 1  ? -6.427  -12.143 -13.686 1.00 0.00 ? 1  DG  A N2     1 
ATOM   18  N N3     . DG  A 1 1  ? -4.552  -11.483 -14.740 1.00 0.00 ? 1  DG  A N3     1 
ATOM   19  C C4     . DG  A 1 1  ? -3.222  -11.753 -14.885 1.00 0.00 ? 1  DG  A C4     1 
ATOM   20  H "H5'"  . DG  A 1 1  ? 0.645   -8.501  -18.679 1.00 0.00 ? 1  DG  A "H5'"  1 
ATOM   21  H "H5''" . DG  A 1 1  ? 0.377   -9.488  -17.229 1.00 0.00 ? 1  DG  A "H5''" 1 
ATOM   22  H "H4'"  . DG  A 1 1  ? -1.669  -8.862  -19.410 1.00 0.00 ? 1  DG  A "H4'"  1 
ATOM   23  H "H3'"  . DG  A 1 1  ? -1.003  -7.250  -17.316 1.00 0.00 ? 1  DG  A "H3'"  1 
ATOM   24  H "H2'"  . DG  A 1 1  ? -1.361  -8.735  -15.535 1.00 0.00 ? 1  DG  A "H2'"  1 
ATOM   25  H "H2''" . DG  A 1 1  ? -3.032  -8.113  -15.673 1.00 0.00 ? 1  DG  A "H2''" 1 
ATOM   26  H "H1'"  . DG  A 1 1  ? -3.792  -9.969  -16.782 1.00 0.00 ? 1  DG  A "H1'"  1 
ATOM   27  H H8     . DG  A 1 1  ? -0.256  -11.422 -16.089 1.00 0.00 ? 1  DG  A H8     1 
ATOM   28  H H1     . DG  A 1 1  ? -5.085  -13.899 -12.615 1.00 0.00 ? 1  DG  A H1     1 
ATOM   29  H H21    . DG  A 1 1  ? -6.820  -11.270 -13.987 1.00 0.00 ? 1  DG  A H21    1 
ATOM   30  H H22    . DG  A 1 1  ? -6.937  -12.762 -13.060 1.00 0.00 ? 1  DG  A H22    1 
ATOM   31  H "HO5'" . DG  A 1 1  ? -0.329  -11.122 -18.919 1.00 0.00 ? 1  DG  A "HO5'" 1 
ATOM   32  P P      . DT  A 1 2  ? -3.335  -5.785  -17.658 1.00 0.00 ? 2  DT  A P      1 
ATOM   33  O OP1    . DT  A 1 2  ? -4.021  -5.180  -18.817 1.00 0.00 ? 2  DT  A OP1    1 
ATOM   34  O OP2    . DT  A 1 2  ? -2.133  -5.144  -17.082 1.00 0.00 ? 2  DT  A OP2    1 
ATOM   35  O "O5'"  . DT  A 1 2  ? -4.400  -6.067  -16.486 1.00 0.00 ? 2  DT  A "O5'"  1 
ATOM   36  C "C5'"  . DT  A 1 2  ? -5.703  -6.544  -16.798 1.00 0.00 ? 2  DT  A "C5'"  1 
ATOM   37  C "C4'"  . DT  A 1 2  ? -6.563  -6.884  -15.568 1.00 0.00 ? 2  DT  A "C4'"  1 
ATOM   38  O "O4'"  . DT  A 1 2  ? -5.999  -7.968  -14.842 1.00 0.00 ? 2  DT  A "O4'"  1 
ATOM   39  C "C3'"  . DT  A 1 2  ? -6.809  -5.726  -14.592 1.00 0.00 ? 2  DT  A "C3'"  1 
ATOM   40  O "O3'"  . DT  A 1 2  ? -8.213  -5.627  -14.384 1.00 0.00 ? 2  DT  A "O3'"  1 
ATOM   41  C "C2'"  . DT  A 1 2  ? -6.074  -6.178  -13.335 1.00 0.00 ? 2  DT  A "C2'"  1 
ATOM   42  C "C1'"  . DT  A 1 2  ? -6.172  -7.701  -13.458 1.00 0.00 ? 2  DT  A "C1'"  1 
ATOM   43  N N1     . DT  A 1 2  ? -5.161  -8.475  -12.681 1.00 0.00 ? 2  DT  A N1     1 
ATOM   44  C C2     . DT  A 1 2  ? -5.613  -9.520  -11.862 1.00 0.00 ? 2  DT  A C2     1 
ATOM   45  O O2     . DT  A 1 2  ? -6.802  -9.773  -11.676 1.00 0.00 ? 2  DT  A O2     1 
ATOM   46  N N3     . DT  A 1 2  ? -4.655  -10.332 -11.300 1.00 0.00 ? 2  DT  A N3     1 
ATOM   47  C C4     . DT  A 1 2  ? -3.302  -10.244 -11.527 1.00 0.00 ? 2  DT  A C4     1 
ATOM   48  O O4     . DT  A 1 2  ? -2.575  -11.143 -11.113 1.00 0.00 ? 2  DT  A O4     1 
ATOM   49  C C5     . DT  A 1 2  ? -2.887  -9.086  -12.315 1.00 0.00 ? 2  DT  A C5     1 
ATOM   50  C C7     . DT  A 1 2  ? -1.410  -8.822  -12.556 1.00 0.00 ? 2  DT  A C7     1 
ATOM   51  C C6     . DT  A 1 2  ? -3.810  -8.248  -12.860 1.00 0.00 ? 2  DT  A C6     1 
ATOM   52  H "H5'"  . DT  A 1 2  ? -5.611  -7.442  -17.411 1.00 0.00 ? 2  DT  A "H5'"  1 
ATOM   53  H "H5''" . DT  A 1 2  ? -6.218  -5.780  -17.384 1.00 0.00 ? 2  DT  A "H5''" 1 
ATOM   54  H "H4'"  . DT  A 1 2  ? -7.535  -7.199  -15.939 1.00 0.00 ? 2  DT  A "H4'"  1 
ATOM   55  H "H3'"  . DT  A 1 2  ? -6.396  -4.792  -14.981 1.00 0.00 ? 2  DT  A "H3'"  1 
ATOM   56  H "H2'"  . DT  A 1 2  ? -5.041  -5.835  -13.374 1.00 0.00 ? 2  DT  A "H2'"  1 
ATOM   57  H "H2''" . DT  A 1 2  ? -6.563  -5.825  -12.430 1.00 0.00 ? 2  DT  A "H2''" 1 
ATOM   58  H "H1'"  . DT  A 1 2  ? -7.184  -7.990  -13.154 1.00 0.00 ? 2  DT  A "H1'"  1 
ATOM   59  H H3     . DT  A 1 2  ? -4.970  -11.047 -10.662 1.00 0.00 ? 2  DT  A H3     1 
ATOM   60  H H71    . DT  A 1 2  ? -0.968  -9.688  -13.048 1.00 0.00 ? 2  DT  A H71    1 
ATOM   61  H H72    . DT  A 1 2  ? -1.263  -7.928  -13.161 1.00 0.00 ? 2  DT  A H72    1 
ATOM   62  H H73    . DT  A 1 2  ? -0.919  -8.691  -11.589 1.00 0.00 ? 2  DT  A H73    1 
ATOM   63  H H6     . DT  A 1 2  ? -3.499  -7.414  -13.472 1.00 0.00 ? 2  DT  A H6     1 
ATOM   64  P P      . DG  A 1 3  ? -8.903  -4.301  -13.788 1.00 0.00 ? 3  DG  A P      1 
ATOM   65  O OP1    . DG  A 1 3  ? -10.332 -4.338  -14.174 1.00 0.00 ? 3  DG  A OP1    1 
ATOM   66  O OP2    . DG  A 1 3  ? -8.073  -3.142  -14.174 1.00 0.00 ? 3  DG  A OP2    1 
ATOM   67  O "O5'"  . DG  A 1 3  ? -8.783  -4.541  -12.195 1.00 0.00 ? 3  DG  A "O5'"  1 
ATOM   68  C "C5'"  . DG  A 1 3  ? -9.764  -5.310  -11.514 1.00 0.00 ? 3  DG  A "C5'"  1 
ATOM   69  C "C4'"  . DG  A 1 3  ? -9.405  -5.670  -10.066 1.00 0.00 ? 3  DG  A "C4'"  1 
ATOM   70  O "O4'"  . DG  A 1 3  ? -8.334  -6.602  -10.019 1.00 0.00 ? 3  DG  A "O4'"  1 
ATOM   71  C "C3'"  . DG  A 1 3  ? -9.059  -4.492  -9.142  1.00 0.00 ? 3  DG  A "C3'"  1 
ATOM   72  O "O3'"  . DG  A 1 3  ? -10.159 -4.267  -8.262  1.00 0.00 ? 3  DG  A "O3'"  1 
ATOM   73  C "C2'"  . DG  A 1 3  ? -7.797  -4.993  -8.427  1.00 0.00 ? 3  DG  A "C2'"  1 
ATOM   74  C "C1'"  . DG  A 1 3  ? -7.736  -6.491  -8.743  1.00 0.00 ? 3  DG  A "C1'"  1 
ATOM   75  N N9     . DG  A 1 3  ? -6.362  -7.044  -8.808  1.00 0.00 ? 3  DG  A N9     1 
ATOM   76  C C8     . DG  A 1 3  ? -5.345  -6.675  -9.652  1.00 0.00 ? 3  DG  A C8     1 
ATOM   77  N N7     . DG  A 1 3  ? -4.268  -7.408  -9.555  1.00 0.00 ? 3  DG  A N7     1 
ATOM   78  C C5     . DG  A 1 3  ? -4.583  -8.323  -8.535  1.00 0.00 ? 3  DG  A C5     1 
ATOM   79  C C6     . DG  A 1 3  ? -3.826  -9.391  -7.930  1.00 0.00 ? 3  DG  A C6     1 
ATOM   80  O O6     . DG  A 1 3  ? -2.692  -9.793  -8.185  1.00 0.00 ? 3  DG  A O6     1 
ATOM   81  N N1     . DG  A 1 3  ? -4.504  -10.044 -6.923  1.00 0.00 ? 3  DG  A N1     1 
ATOM   82  C C2     . DG  A 1 3  ? -5.752  -9.718  -6.519  1.00 0.00 ? 3  DG  A C2     1 
ATOM   83  N N2     . DG  A 1 3  ? -6.279  -10.442 -5.572  1.00 0.00 ? 3  DG  A N2     1 
ATOM   84  N N3     . DG  A 1 3  ? -6.503  -8.760  -7.060  1.00 0.00 ? 3  DG  A N3     1 
ATOM   85  C C4     . DG  A 1 3  ? -5.858  -8.090  -8.063  1.00 0.00 ? 3  DG  A C4     1 
ATOM   86  H "H5'"  . DG  A 1 3  ? -9.924  -6.237  -12.063 1.00 0.00 ? 3  DG  A "H5'"  1 
ATOM   87  H "H5''" . DG  A 1 3  ? -10.700 -4.754  -11.509 1.00 0.00 ? 3  DG  A "H5''" 1 
ATOM   88  H "H4'"  . DG  A 1 3  ? -10.276 -6.164  -9.632  1.00 0.00 ? 3  DG  A "H4'"  1 
ATOM   89  H "H3'"  . DG  A 1 3  ? -8.842  -3.597  -9.731  1.00 0.00 ? 3  DG  A "H3'"  1 
ATOM   90  H "H2'"  . DG  A 1 3  ? -6.931  -4.478  -8.838  1.00 0.00 ? 3  DG  A "H2'"  1 
ATOM   91  H "H2''" . DG  A 1 3  ? -7.852  -4.840  -7.353  1.00 0.00 ? 3  DG  A "H2''" 1 
ATOM   92  H "H1'"  . DG  A 1 3  ? -8.319  -7.044  -8.003  1.00 0.00 ? 3  DG  A "H1'"  1 
ATOM   93  H H8     . DG  A 1 3  ? -5.453  -5.862  -10.356 1.00 0.00 ? 3  DG  A H8     1 
ATOM   94  H H1     . DG  A 1 3  ? -4.025  -10.797 -6.455  1.00 0.00 ? 3  DG  A H1     1 
ATOM   95  H H21    . DG  A 1 3  ? -7.187  -10.174 -5.253  1.00 0.00 ? 3  DG  A H21    1 
ATOM   96  H H22    . DG  A 1 3  ? -5.757  -11.203 -5.141  1.00 0.00 ? 3  DG  A H22    1 
ATOM   97  P P      . DC  A 1 4  ? -10.246 -2.998  -7.267  1.00 0.00 ? 4  DC  A P      1 
ATOM   98  O OP1    . DC  A 1 4  ? -11.674 -2.760  -6.959  1.00 0.00 ? 4  DC  A OP1    1 
ATOM   99  O OP2    . DC  A 1 4  ? -9.413  -1.907  -7.812  1.00 0.00 ? 4  DC  A OP2    1 
ATOM   100 O "O5'"  . DC  A 1 4  ? -9.527  -3.557  -5.943  1.00 0.00 ? 4  DC  A "O5'"  1 
ATOM   101 C "C5'"  . DC  A 1 4  ? -10.132 -4.580  -5.168  1.00 0.00 ? 4  DC  A "C5'"  1 
ATOM   102 C "C4'"  . DC  A 1 4  ? -9.179  -5.204  -4.140  1.00 0.00 ? 4  DC  A "C4'"  1 
ATOM   103 O "O4'"  . DC  A 1 4  ? -8.084  -5.830  -4.799  1.00 0.00 ? 4  DC  A "O4'"  1 
ATOM   104 C "C3'"  . DC  A 1 4  ? -8.613  -4.220  -3.104  1.00 0.00 ? 4  DC  A "C3'"  1 
ATOM   105 O "O3'"  . DC  A 1 4  ? -8.733  -4.840  -1.828  1.00 0.00 ? 4  DC  A "O3'"  1 
ATOM   106 C "C2'"  . DC  A 1 4  ? -7.162  -4.100  -3.557  1.00 0.00 ? 4  DC  A "C2'"  1 
ATOM   107 C "C1'"  . DC  A 1 4  ? -6.925  -5.530  -4.046  1.00 0.00 ? 4  DC  A "C1'"  1 
ATOM   108 N N1     . DC  A 1 4  ? -5.697  -5.756  -4.857  1.00 0.00 ? 4  DC  A N1     1 
ATOM   109 C C2     . DC  A 1 4  ? -4.910  -6.880  -4.574  1.00 0.00 ? 4  DC  A C2     1 
ATOM   110 O O2     . DC  A 1 4  ? -5.225  -7.700  -3.715  1.00 0.00 ? 4  DC  A O2     1 
ATOM   111 N N3     . DC  A 1 4  ? -3.767  -7.116  -5.259  1.00 0.00 ? 4  DC  A N3     1 
ATOM   112 C C4     . DC  A 1 4  ? -3.405  -6.256  -6.180  1.00 0.00 ? 4  DC  A C4     1 
ATOM   113 N N4     . DC  A 1 4  ? -2.298  -6.539  -6.800  1.00 0.00 ? 4  DC  A N4     1 
ATOM   114 C C5     . DC  A 1 4  ? -4.181  -5.124  -6.559  1.00 0.00 ? 4  DC  A C5     1 
ATOM   115 C C6     . DC  A 1 4  ? -5.325  -4.898  -5.864  1.00 0.00 ? 4  DC  A C6     1 
ATOM   116 H "H5'"  . DC  A 1 4  ? -10.474 -5.373  -5.833  1.00 0.00 ? 4  DC  A "H5'"  1 
ATOM   117 H "H5''" . DC  A 1 4  ? -10.998 -4.168  -4.649  1.00 0.00 ? 4  DC  A "H5''" 1 
ATOM   118 H "H4'"  . DC  A 1 4  ? -9.730  -5.970  -3.595  1.00 0.00 ? 4  DC  A "H4'"  1 
ATOM   119 H "H3'"  . DC  A 1 4  ? -9.127  -3.257  -3.132  1.00 0.00 ? 4  DC  A "H3'"  1 
ATOM   120 H "H2'"  . DC  A 1 4  ? -7.101  -3.375  -4.369  1.00 0.00 ? 4  DC  A "H2'"  1 
ATOM   121 H "H2''" . DC  A 1 4  ? -6.493  -3.818  -2.745  1.00 0.00 ? 4  DC  A "H2''" 1 
ATOM   122 H "H1'"  . DC  A 1 4  ? -6.896  -6.172  -3.159  1.00 0.00 ? 4  DC  A "H1'"  1 
ATOM   123 H H41    . DC  A 1 4  ? -1.999  -5.984  -7.569  1.00 0.00 ? 4  DC  A H41    1 
ATOM   124 H H42    . DC  A 1 4  ? -1.756  -7.322  -6.444  1.00 0.00 ? 4  DC  A H42    1 
ATOM   125 H H5     . DC  A 1 4  ? -3.881  -4.455  -7.347  1.00 0.00 ? 4  DC  A H5     1 
ATOM   126 H H6     . DC  A 1 4  ? -5.960  -4.051  -6.095  1.00 0.00 ? 4  DC  A H6     1 
HETATM 127 P P      . 2LF A 1 5  ? -8.443  -4.079  -0.438  1.00 0.00 ? 5  2LF A P      1 
HETATM 128 N N1     . 2LF A 1 5  ? -0.923  -6.347  -2.515  1.00 0.00 ? 5  2LF A N1     1 
HETATM 129 C C2     . 2LF A 1 5  ? -0.860  -7.202  -1.483  1.00 0.00 ? 5  2LF A C2     1 
HETATM 130 N N2     . 2LF A 1 5  ? 0.215   -7.935  -1.427  1.00 0.00 ? 5  2LF A N2     1 
HETATM 131 N N3     . 2LF A 1 5  ? -1.800  -7.384  -0.574  1.00 0.00 ? 5  2LF A N3     1 
HETATM 132 C C4     . 2LF A 1 5  ? -2.882  -6.595  -0.803  1.00 0.00 ? 5  2LF A C4     1 
HETATM 133 C C5     . 2LF A 1 5  ? -3.070  -5.694  -1.825  1.00 0.00 ? 5  2LF A C5     1 
HETATM 134 C C6     . 2LF A 1 5  ? -1.994  -5.526  -2.759  1.00 0.00 ? 5  2LF A C6     1 
HETATM 135 O O6     . 2LF A 1 5  ? -1.900  -4.783  -3.730  1.00 0.00 ? 5  2LF A O6     1 
HETATM 136 N N7     . 2LF A 1 5  ? -4.362  -5.139  -1.759  1.00 0.00 ? 5  2LF A N7     1 
HETATM 137 C C8     . 2LF A 1 5  ? -4.862  -5.695  -0.690  1.00 0.00 ? 5  2LF A C8     1 
HETATM 138 N N9     . 2LF A 1 5  ? -4.018  -6.542  -0.050  1.00 0.00 ? 5  2LF A N9     1 
HETATM 139 C "C1'"  . 2LF A 1 5  ? -4.322  -7.171  1.237   1.00 0.00 ? 5  2LF A "C1'"  1 
HETATM 140 C "C2'"  . 2LF A 1 5  ? -4.298  -6.107  2.338   1.00 0.00 ? 5  2LF A "C2'"  1 
HETATM 141 O OP2    . 2LF A 1 5  ? -8.722  -2.644  -0.643  1.00 0.00 ? 5  2LF A OP2    1 
HETATM 142 C "C3'"  . 2LF A 1 5  ? -5.741  -5.574  2.390   1.00 0.00 ? 5  2LF A "C3'"  1 
HETATM 143 O "O3'"  . 2LF A 1 5  ? -6.343  -5.999  3.601   1.00 0.00 ? 5  2LF A "O3'"  1 
HETATM 144 C "C4'"  . 2LF A 1 5  ? -6.415  -6.306  1.215   1.00 0.00 ? 5  2LF A "C4'"  1 
HETATM 145 O "O4'"  . 2LF A 1 5  ? -5.690  -7.540  1.153   1.00 0.00 ? 5  2LF A "O4'"  1 
HETATM 146 C "C5'"  . 2LF A 1 5  ? -6.304  -5.616  -0.179  1.00 0.00 ? 5  2LF A "C5'"  1 
HETATM 147 O "O5'"  . 2LF A 1 5  ? -6.859  -4.301  -0.223  1.00 0.00 ? 5  2LF A "O5'"  1 
HETATM 148 H HN1    . 2LF A 1 5  ? -0.154  -6.259  -3.141  1.00 0.00 ? 5  2LF A HN1    1 
HETATM 149 H "H1'"  . 2LF A 1 5  ? -3.662  -8.014  1.445   1.00 0.00 ? 5  2LF A "H1'"  1 
HETATM 150 H "H2'"  . 2LF A 1 5  ? -4.019  -6.573  3.280   1.00 0.00 ? 5  2LF A "H2'"  1 
HETATM 151 H "H'2'" . 2LF A 1 5  ? -3.593  -5.311  2.102   1.00 0.00 ? 5  2LF A "H'2'" 1 
HETATM 152 H HN2    . 2LF A 1 5  ? 0.935   -7.843  -2.115  1.00 0.00 ? 5  2LF A HN2    1 
HETATM 153 H HN2A   . 2LF A 1 5  ? 0.256   -8.606  -0.678  1.00 0.00 ? 5  2LF A HN2A   1 
HETATM 154 H "H3'"  . 2LF A 1 5  ? -5.796  -4.490  2.250   1.00 0.00 ? 5  2LF A "H3'"  1 
HETATM 155 H "H4'"  . 2LF A 1 5  ? -7.467  -6.472  1.452   1.00 0.00 ? 5  2LF A "H4'"  1 
HETATM 156 H "H5'"  . 2LF A 1 5  ? -6.873  -6.235  -0.870  1.00 0.00 ? 5  2LF A "H5'"  1 
HETATM 157 O OP1    . 2LF A 1 5  ? -9.169  -4.826  0.608   1.00 0.00 ? 5  2LF A OP1    1 
ATOM   158 P P      . DT  A 1 6  ? -6.360  -5.065  4.894   1.00 0.00 ? 6  DT  A P      1 
ATOM   159 O OP1    . DT  A 1 6  ? -7.263  -5.679  5.893   1.00 0.00 ? 6  DT  A OP1    1 
ATOM   160 O OP2    . DT  A 1 6  ? -6.576  -3.672  4.464   1.00 0.00 ? 6  DT  A OP2    1 
ATOM   161 O "O5'"  . DT  A 1 6  ? -4.865  -5.130  5.480   1.00 0.00 ? 6  DT  A "O5'"  1 
ATOM   162 C "C5'"  . DT  A 1 6  ? -4.370  -6.276  6.155   1.00 0.00 ? 6  DT  A "C5'"  1 
ATOM   163 C "C4'"  . DT  A 1 6  ? -2.941  -6.068  6.684   1.00 0.00 ? 6  DT  A "C4'"  1 
ATOM   164 O "O4'"  . DT  A 1 6  ? -2.061  -5.743  5.612   1.00 0.00 ? 6  DT  A "O4'"  1 
ATOM   165 C "C3'"  . DT  A 1 6  ? -2.820  -4.978  7.759   1.00 0.00 ? 6  DT  A "C3'"  1 
ATOM   166 O "O3'"  . DT  A 1 6  ? -1.939  -5.449  8.779   1.00 0.00 ? 6  DT  A "O3'"  1 
ATOM   167 C "C2'"  . DT  A 1 6  ? -2.260  -3.802  6.962   1.00 0.00 ? 6  DT  A "C2'"  1 
ATOM   168 C "C1'"  . DT  A 1 6  ? -1.440  -4.490  5.865   1.00 0.00 ? 6  DT  A "C1'"  1 
ATOM   169 N N1     . DT  A 1 6  ? -1.350  -3.707  4.598   1.00 0.00 ? 6  DT  A N1     1 
ATOM   170 C C2     . DT  A 1 6  ? -0.077  -3.484  4.051   1.00 0.00 ? 6  DT  A C2     1 
ATOM   171 O O2     . DT  A 1 6  ? 0.963   -3.920  4.539   1.00 0.00 ? 6  DT  A O2     1 
ATOM   172 N N3     . DT  A 1 6  ? -0.018  -2.749  2.890   1.00 0.00 ? 6  DT  A N3     1 
ATOM   173 C C4     . DT  A 1 6  ? -1.100  -2.280  2.183   1.00 0.00 ? 6  DT  A C4     1 
ATOM   174 O O4     . DT  A 1 6  ? -0.900  -1.711  1.112   1.00 0.00 ? 6  DT  A O4     1 
ATOM   175 C C5     . DT  A 1 6  ? -2.402  -2.562  2.785   1.00 0.00 ? 6  DT  A C5     1 
ATOM   176 C C7     . DT  A 1 6  ? -3.677  -2.110  2.092   1.00 0.00 ? 6  DT  A C7     1 
ATOM   177 C C6     . DT  A 1 6  ? -2.488  -3.255  3.951   1.00 0.00 ? 6  DT  A C6     1 
ATOM   178 H "H5'"  . DT  A 1 6  ? -4.381  -7.125  5.471   1.00 0.00 ? 6  DT  A "H5'"  1 
ATOM   179 H "H5''" . DT  A 1 6  ? -5.026  -6.504  6.995   1.00 0.00 ? 6  DT  A "H5''" 1 
ATOM   180 H "H4'"  . DT  A 1 6  ? -2.613  -7.010  7.122   1.00 0.00 ? 6  DT  A "H4'"  1 
ATOM   181 H "H3'"  . DT  A 1 6  ? -3.799  -4.730  8.178   1.00 0.00 ? 6  DT  A "H3'"  1 
ATOM   182 H "H2'"  . DT  A 1 6  ? -3.091  -3.230  6.546   1.00 0.00 ? 6  DT  A "H2'"  1 
ATOM   183 H "H2''" . DT  A 1 6  ? -1.635  -3.152  7.571   1.00 0.00 ? 6  DT  A "H2''" 1 
ATOM   184 H "H1'"  . DT  A 1 6  ? -0.437  -4.671  6.267   1.00 0.00 ? 6  DT  A "H1'"  1 
ATOM   185 H H3     . DT  A 1 6  ? 0.886   -2.672  2.449   1.00 0.00 ? 6  DT  A H3     1 
ATOM   186 H H71    . DT  A 1 6  ? -4.561  -2.382  2.669   1.00 0.00 ? 6  DT  A H71    1 
ATOM   187 H H72    . DT  A 1 6  ? -3.650  -1.029  1.965   1.00 0.00 ? 6  DT  A H72    1 
ATOM   188 H H73    . DT  A 1 6  ? -3.735  -2.570  1.106   1.00 0.00 ? 6  DT  A H73    1 
ATOM   189 H H6     . DT  A 1 6  ? -3.462  -3.488  4.364   1.00 0.00 ? 6  DT  A H6     1 
ATOM   190 P P      . DG  A 1 7  ? -1.661  -4.642  10.147  1.00 0.00 ? 7  DG  A P      1 
ATOM   191 O OP1    . DG  A 1 7  ? -1.209  -5.622  11.158  1.00 0.00 ? 7  DG  A OP1    1 
ATOM   192 O OP2    . DG  A 1 7  ? -2.821  -3.774  10.436  1.00 0.00 ? 7  DG  A OP2    1 
ATOM   193 O "O5'"  . DG  A 1 7  ? -0.410  -3.716  9.747   1.00 0.00 ? 7  DG  A "O5'"  1 
ATOM   194 C "C5'"  . DG  A 1 7  ? 0.858   -4.308  9.515   1.00 0.00 ? 7  DG  A "C5'"  1 
ATOM   195 C "C4'"  . DG  A 1 7  ? 1.899   -3.326  8.966   1.00 0.00 ? 7  DG  A "C4'"  1 
ATOM   196 O "O4'"  . DG  A 1 7  ? 1.560   -2.915  7.652   1.00 0.00 ? 7  DG  A "O4'"  1 
ATOM   197 C "C3'"  . DG  A 1 7  ? 2.126   -2.064  9.812   1.00 0.00 ? 7  DG  A "C3'"  1 
ATOM   198 O "O3'"  . DG  A 1 7  ? 3.407   -2.138  10.432  1.00 0.00 ? 7  DG  A "O3'"  1 
ATOM   199 C "C2'"  . DG  A 1 7  ? 2.030   -0.944  8.773   1.00 0.00 ? 7  DG  A "C2'"  1 
ATOM   200 C "C1'"  . DG  A 1 7  ? 2.169   -1.660  7.431   1.00 0.00 ? 7  DG  A "C1'"  1 
ATOM   201 N N9     . DG  A 1 7  ? 1.500   -0.955  6.313   1.00 0.00 ? 7  DG  A N9     1 
ATOM   202 C C8     . DG  A 1 7  ? 0.157   -0.750  6.123   1.00 0.00 ? 7  DG  A C8     1 
ATOM   203 N N7     . DG  A 1 7  ? -0.141  -0.098  5.032   1.00 0.00 ? 7  DG  A N7     1 
ATOM   204 C C5     . DG  A 1 7  ? 1.108   0.136   4.432   1.00 0.00 ? 7  DG  A C5     1 
ATOM   205 C C6     . DG  A 1 7  ? 1.484   0.768   3.188   1.00 0.00 ? 7  DG  A C6     1 
ATOM   206 O O6     . DG  A 1 7  ? 0.783   1.279   2.314   1.00 0.00 ? 7  DG  A O6     1 
ATOM   207 N N1     . DG  A 1 7  ? 2.844   0.764   2.962   1.00 0.00 ? 7  DG  A N1     1 
ATOM   208 C C2     . DG  A 1 7  ? 3.746   0.207   3.801   1.00 0.00 ? 7  DG  A C2     1 
ATOM   209 N N2     . DG  A 1 7  ? 5.002   0.276   3.461   1.00 0.00 ? 7  DG  A N2     1 
ATOM   210 N N3     . DG  A 1 7  ? 3.460   -0.357  4.970   1.00 0.00 ? 7  DG  A N3     1 
ATOM   211 C C4     . DG  A 1 7  ? 2.116   -0.383  5.221   1.00 0.00 ? 7  DG  A C4     1 
ATOM   212 H "H5'"  . DG  A 1 7  ? 0.746   -5.121  8.797   1.00 0.00 ? 7  DG  A "H5'"  1 
ATOM   213 H "H5''" . DG  A 1 7  ? 1.225   -4.723  10.455  1.00 0.00 ? 7  DG  A "H5''" 1 
ATOM   214 H "H4'"  . DG  A 1 7  ? 2.853   -3.854  8.911   1.00 0.00 ? 7  DG  A "H4'"  1 
ATOM   215 H "H3'"  . DG  A 1 7  ? 1.342   -1.956  10.566  1.00 0.00 ? 7  DG  A "H3'"  1 
ATOM   216 H "H2'"  . DG  A 1 7  ? 1.052   -0.471  8.856   1.00 0.00 ? 7  DG  A "H2'"  1 
ATOM   217 H "H2''" . DG  A 1 7  ? 2.820   -0.209  8.903   1.00 0.00 ? 7  DG  A "H2''" 1 
ATOM   218 H "H1'"  . DG  A 1 7  ? 3.228   -1.789  7.197   1.00 0.00 ? 7  DG  A "H1'"  1 
ATOM   219 H H8     . DG  A 1 7  ? -0.582  -1.116  6.822   1.00 0.00 ? 7  DG  A H8     1 
ATOM   220 H H1     . DG  A 1 7  ? 3.177   1.178   2.105   1.00 0.00 ? 7  DG  A H1     1 
ATOM   221 H H21    . DG  A 1 7  ? 5.669   -0.090  4.108   1.00 0.00 ? 7  DG  A H21    1 
ATOM   222 H H22    . DG  A 1 7  ? 5.290   0.687   2.573   1.00 0.00 ? 7  DG  A H22    1 
ATOM   223 P P      . DT  A 1 8  ? 3.943   -1.023  11.466  1.00 0.00 ? 8  DT  A P      1 
ATOM   224 O OP1    . DT  A 1 8  ? 4.702   -1.718  12.528  1.00 0.00 ? 8  DT  A OP1    1 
ATOM   225 O OP2    . DT  A 1 8  ? 2.826   -0.124  11.824  1.00 0.00 ? 8  DT  A OP2    1 
ATOM   226 O "O5'"  . DT  A 1 8  ? 4.985   -0.190  10.564  1.00 0.00 ? 8  DT  A "O5'"  1 
ATOM   227 C "C5'"  . DT  A 1 8  ? 6.198   -0.792  10.133  1.00 0.00 ? 8  DT  A "C5'"  1 
ATOM   228 C "C4'"  . DT  A 1 8  ? 7.049   0.105   9.222   1.00 0.00 ? 8  DT  A "C4'"  1 
ATOM   229 O "O4'"  . DT  A 1 8  ? 6.342   0.389   8.024   1.00 0.00 ? 8  DT  A "O4'"  1 
ATOM   230 C "C3'"  . DT  A 1 8  ? 7.501   1.419   9.870   1.00 0.00 ? 8  DT  A "C3'"  1 
ATOM   231 O "O3'"  . DT  A 1 8  ? 8.921   1.506   9.806   1.00 0.00 ? 8  DT  A "O3'"  1 
ATOM   232 C "C2'"  . DT  A 1 8  ? 6.802   2.472   9.016   1.00 0.00 ? 8  DT  A "C2'"  1 
ATOM   233 C "C1'"  . DT  A 1 8  ? 6.502   1.757   7.695   1.00 0.00 ? 8  DT  A "C1'"  1 
ATOM   234 N N1     . DT  A 1 8  ? 5.258   2.245   7.037   1.00 0.00 ? 8  DT  A N1     1 
ATOM   235 C C2     . DT  A 1 8  ? 5.349   2.813   5.758   1.00 0.00 ? 8  DT  A C2     1 
ATOM   236 O O2     . DT  A 1 8  ? 6.406   2.964   5.160   1.00 0.00 ? 8  DT  A O2     1 
ATOM   237 N N3     . DT  A 1 8  ? 4.174   3.235   5.180   1.00 0.00 ? 8  DT  A N3     1 
ATOM   238 C C4     . DT  A 1 8  ? 2.923   3.143   5.747   1.00 0.00 ? 8  DT  A C4     1 
ATOM   239 O O4     . DT  A 1 8  ? 1.949   3.518   5.104   1.00 0.00 ? 8  DT  A O4     1 
ATOM   240 C C5     . DT  A 1 8  ? 2.898   2.580   7.095   1.00 0.00 ? 8  DT  A C5     1 
ATOM   241 C C7     . DT  A 1 8  ? 1.583   2.485   7.848   1.00 0.00 ? 8  DT  A C7     1 
ATOM   242 C C6     . DT  A 1 8  ? 4.043   2.145   7.685   1.00 0.00 ? 8  DT  A C6     1 
ATOM   243 H "H5'"  . DT  A 1 8  ? 5.960   -1.704  9.586   1.00 0.00 ? 8  DT  A "H5'"  1 
ATOM   244 H "H5''" . DT  A 1 8  ? 6.789   -1.062  11.010  1.00 0.00 ? 8  DT  A "H5''" 1 
ATOM   245 H "H4'"  . DT  A 1 8  ? 7.947   -0.452  8.956   1.00 0.00 ? 8  DT  A "H4'"  1 
ATOM   246 H "H3'"  . DT  A 1 8  ? 7.164   1.478   10.906  1.00 0.00 ? 8  DT  A "H3'"  1 
ATOM   247 H "H2'"  . DT  A 1 8  ? 5.886   2.776   9.520   1.00 0.00 ? 8  DT  A "H2'"  1 
ATOM   248 H "H2''" . DT  A 1 8  ? 7.438   3.334   8.844   1.00 0.00 ? 8  DT  A "H2''" 1 
ATOM   249 H "H1'"  . DT  A 1 8  ? 7.362   1.874   7.029   1.00 0.00 ? 8  DT  A "H1'"  1 
ATOM   250 H H3     . DT  A 1 8  ? 4.233   3.639   4.254   1.00 0.00 ? 8  DT  A H3     1 
ATOM   251 H H71    . DT  A 1 8  ? 0.891   1.865   7.279   1.00 0.00 ? 8  DT  A H71    1 
ATOM   252 H H72    . DT  A 1 8  ? 1.726   2.068   8.844   1.00 0.00 ? 8  DT  A H72    1 
ATOM   253 H H73    . DT  A 1 8  ? 1.153   3.485   7.930   1.00 0.00 ? 8  DT  A H73    1 
ATOM   254 H H6     . DT  A 1 8  ? 4.018   1.693   8.670   1.00 0.00 ? 8  DT  A H6     1 
ATOM   255 P P      . DT  A 1 9  ? 9.762   2.652   10.577  1.00 0.00 ? 9  DT  A P      1 
ATOM   256 O OP1    . DT  A 1 9  ? 11.125  2.128   10.822  1.00 0.00 ? 9  DT  A OP1    1 
ATOM   257 O OP2    . DT  A 1 9  ? 8.951   3.132   11.715  1.00 0.00 ? 9  DT  A OP2    1 
ATOM   258 O "O5'"  . DT  A 1 9  ? 9.844   3.825   9.472   1.00 0.00 ? 9  DT  A "O5'"  1 
ATOM   259 C "C5'"  . DT  A 1 9  ? 10.621  3.658   8.292   1.00 0.00 ? 9  DT  A "C5'"  1 
ATOM   260 C "C4'"  . DT  A 1 9  ? 10.339  4.722   7.218   1.00 0.00 ? 9  DT  A "C4'"  1 
ATOM   261 O "O4'"  . DT  A 1 9  ? 8.983   4.652   6.811   1.00 0.00 ? 9  DT  A "O4'"  1 
ATOM   262 C "C3'"  . DT  A 1 9  ? 10.649  6.171   7.628   1.00 0.00 ? 9  DT  A "C3'"  1 
ATOM   263 O "O3'"  . DT  A 1 9  ? 11.779  6.647   6.902   1.00 0.00 ? 9  DT  A "O3'"  1 
ATOM   264 C "C2'"  . DT  A 1 9  ? 9.362   6.910   7.251   1.00 0.00 ? 9  DT  A "C2'"  1 
ATOM   265 C "C1'"  . DT  A 1 9  ? 8.589   5.934   6.363   1.00 0.00 ? 9  DT  A "C1'"  1 
ATOM   266 N N1     . DT  A 1 9  ? 7.113   6.070   6.491   1.00 0.00 ? 9  DT  A N1     1 
ATOM   267 C C2     . DT  A 1 9  ? 6.375   6.490   5.377   1.00 0.00 ? 9  DT  A C2     1 
ATOM   268 O O2     . DT  A 1 9  ? 6.881   6.816   4.311   1.00 0.00 ? 9  DT  A O2     1 
ATOM   269 N N3     . DT  A 1 9  ? 5.009   6.559   5.531   1.00 0.00 ? 9  DT  A N3     1 
ATOM   270 C C4     . DT  A 1 9  ? 4.310   6.264   6.680   1.00 0.00 ? 9  DT  A C4     1 
ATOM   271 O O4     . DT  A 1 9  ? 3.086   6.345   6.675   1.00 0.00 ? 9  DT  A O4     1 
ATOM   272 C C5     . DT  A 1 9  ? 5.141   5.867   7.817   1.00 0.00 ? 9  DT  A C5     1 
ATOM   273 C C7     . DT  A 1 9  ? 4.497   5.550   9.155   1.00 0.00 ? 9  DT  A C7     1 
ATOM   274 C C6     . DT  A 1 9  ? 6.492   5.786   7.691   1.00 0.00 ? 9  DT  A C6     1 
ATOM   275 H "H5'"  . DT  A 1 9  ? 10.403  2.679   7.859   1.00 0.00 ? 9  DT  A "H5'"  1 
ATOM   276 H "H5''" . DT  A 1 9  ? 11.679  3.687   8.555   1.00 0.00 ? 9  DT  A "H5''" 1 
ATOM   277 H "H4'"  . DT  A 1 9  ? 10.957  4.495   6.349   1.00 0.00 ? 9  DT  A "H4'"  1 
ATOM   278 H "H3'"  . DT  A 1 9  ? 10.828  6.230   8.703   1.00 0.00 ? 9  DT  A "H3'"  1 
ATOM   279 H "H2'"  . DT  A 1 9  ? 8.810   7.138   8.160   1.00 0.00 ? 9  DT  A "H2'"  1 
ATOM   280 H "H2''" . DT  A 1 9  ? 9.565   7.823   6.699   1.00 0.00 ? 9  DT  A "H2''" 1 
ATOM   281 H "H1'"  . DT  A 1 9  ? 8.898   6.072   5.321   1.00 0.00 ? 9  DT  A "H1'"  1 
ATOM   282 H H3     . DT  A 1 9  ? 4.478   6.883   4.732   1.00 0.00 ? 9  DT  A H3     1 
ATOM   283 H H71    . DT  A 1 9  ? 3.788   4.732   9.026   1.00 0.00 ? 9  DT  A H71    1 
ATOM   284 H H72    . DT  A 1 9  ? 5.244   5.275   9.899   1.00 0.00 ? 9  DT  A H72    1 
ATOM   285 H H73    . DT  A 1 9  ? 3.945   6.427   9.495   1.00 0.00 ? 9  DT  A H73    1 
ATOM   286 H H6     . DT  A 1 9  ? 7.109   5.481   8.526   1.00 0.00 ? 9  DT  A H6     1 
ATOM   287 P P      . DT  A 1 10 ? 12.520  8.046   7.242   1.00 0.00 ? 10 DT  A P      1 
ATOM   288 O OP1    . DT  A 1 10 ? 13.885  7.983   6.674   1.00 0.00 ? 10 DT  A OP1    1 
ATOM   289 O OP2    . DT  A 1 10 ? 12.341  8.333   8.682   1.00 0.00 ? 10 DT  A OP2    1 
ATOM   290 O "O5'"  . DT  A 1 10 ? 11.674  9.132   6.402   1.00 0.00 ? 10 DT  A "O5'"  1 
ATOM   291 C "C5'"  . DT  A 1 10 ? 11.710  9.139   4.980   1.00 0.00 ? 10 DT  A "C5'"  1 
ATOM   292 C "C4'"  . DT  A 1 10 ? 10.676  10.084  4.346   1.00 0.00 ? 10 DT  A "C4'"  1 
ATOM   293 O "O4'"  . DT  A 1 10 ? 9.370   9.602   4.632   1.00 0.00 ? 10 DT  A "O4'"  1 
ATOM   294 C "C3'"  . DT  A 1 10 ? 10.758  11.553  4.801   1.00 0.00 ? 10 DT  A "C3'"  1 
ATOM   295 O "O3'"  . DT  A 1 10 ? 10.864  12.417  3.672   1.00 0.00 ? 10 DT  A "O3'"  1 
ATOM   296 C "C2'"  . DT  A 1 10 ? 9.430   11.739  5.531   1.00 0.00 ? 10 DT  A "C2'"  1 
ATOM   297 C "C1'"  . DT  A 1 10 ? 8.527   10.715  4.837   1.00 0.00 ? 10 DT  A "C1'"  1 
ATOM   298 N N1     . DT  A 1 10 ? 7.339   10.313  5.641   1.00 0.00 ? 10 DT  A N1     1 
ATOM   299 C C2     . DT  A 1 10 ? 6.067   10.446  5.067   1.00 0.00 ? 10 DT  A C2     1 
ATOM   300 O O2     . DT  A 1 10 ? 5.867   10.898  3.946   1.00 0.00 ? 10 DT  A O2     1 
ATOM   301 N N3     . DT  A 1 10 ? 4.994   10.076  5.843   1.00 0.00 ? 10 DT  A N3     1 
ATOM   302 C C4     . DT  A 1 10 ? 5.055   9.654   7.151   1.00 0.00 ? 10 DT  A C4     1 
ATOM   303 O O4     . DT  A 1 10 ? 4.012   9.395   7.746   1.00 0.00 ? 10 DT  A O4     1 
ATOM   304 C C5     . DT  A 1 10 ? 6.408   9.549   7.699   1.00 0.00 ? 10 DT  A C5     1 
ATOM   305 C C7     . DT  A 1 10 ? 6.618   9.098   9.135   1.00 0.00 ? 10 DT  A C7     1 
ATOM   306 C C6     . DT  A 1 10 ? 7.488   9.862   6.937   1.00 0.00 ? 10 DT  A C6     1 
ATOM   307 H "H5'"  . DT  A 1 10 ? 11.514  8.130   4.616   1.00 0.00 ? 10 DT  A "H5'"  1 
ATOM   308 H "H5''" . DT  A 1 10 ? 12.708  9.432   4.652   1.00 0.00 ? 10 DT  A "H5''" 1 
ATOM   309 H "H4'"  . DT  A 1 10 ? 10.816  10.064  3.264   1.00 0.00 ? 10 DT  A "H4'"  1 
ATOM   310 H "H3'"  . DT  A 1 10 ? 11.602  11.702  5.479   1.00 0.00 ? 10 DT  A "H3'"  1 
ATOM   311 H "H2'"  . DT  A 1 10 ? 9.580   11.499  6.582   1.00 0.00 ? 10 DT  A "H2'"  1 
ATOM   312 H "H2''" . DT  A 1 10 ? 9.034   12.746  5.427   1.00 0.00 ? 10 DT  A "H2''" 1 
ATOM   313 H "H1'"  . DT  A 1 10 ? 8.216   11.119  3.867   1.00 0.00 ? 10 DT  A "H1'"  1 
ATOM   314 H H3     . DT  A 1 10 ? 4.081   10.199  5.428   1.00 0.00 ? 10 DT  A H3     1 
ATOM   315 H H71    . DT  A 1 10 ? 6.161   8.121   9.278   1.00 0.00 ? 10 DT  A H71    1 
ATOM   316 H H72    . DT  A 1 10 ? 7.678   9.046   9.381   1.00 0.00 ? 10 DT  A H72    1 
ATOM   317 H H73    . DT  A 1 10 ? 6.122   9.806   9.799   1.00 0.00 ? 10 DT  A H73    1 
ATOM   318 H H6     . DT  A 1 10 ? 8.488   9.761   7.338   1.00 0.00 ? 10 DT  A H6     1 
ATOM   319 P P      . DG  A 1 11 ? 11.157  14.002  3.809   1.00 0.00 ? 11 DG  A P      1 
ATOM   320 O OP1    . DG  A 1 11 ? 11.763  14.468  2.542   1.00 0.00 ? 11 DG  A OP1    1 
ATOM   321 O OP2    . DG  A 1 11 ? 11.868  14.243  5.083   1.00 0.00 ? 11 DG  A OP2    1 
ATOM   322 O "O5'"  . DG  A 1 11 ? 9.684   14.647  3.929   1.00 0.00 ? 11 DG  A "O5'"  1 
ATOM   323 C "C5'"  . DG  A 1 11 ? 8.810   14.673  2.808   1.00 0.00 ? 11 DG  A "C5'"  1 
ATOM   324 C "C4'"  . DG  A 1 11 ? 7.417   15.236  3.128   1.00 0.00 ? 11 DG  A "C4'"  1 
ATOM   325 O "O4'"  . DG  A 1 11 ? 6.664   14.293  3.880   1.00 0.00 ? 11 DG  A "O4'"  1 
ATOM   326 C "C3'"  . DG  A 1 11 ? 7.402   16.576  3.890   1.00 0.00 ? 11 DG  A "C3'"  1 
ATOM   327 O "O3'"  . DG  A 1 11 ? 6.832   17.612  3.084   1.00 0.00 ? 11 DG  A "O3'"  1 
ATOM   328 C "C2'"  . DG  A 1 11 ? 6.546   16.228  5.114   1.00 0.00 ? 11 DG  A "C2'"  1 
ATOM   329 C "C1'"  . DG  A 1 11 ? 5.736   15.012  4.662   1.00 0.00 ? 11 DG  A "C1'"  1 
ATOM   330 N N9     . DG  A 1 11 ? 5.242   14.180  5.788   1.00 0.00 ? 11 DG  A N9     1 
ATOM   331 C C8     . DG  A 1 11 ? 5.977   13.492  6.721   1.00 0.00 ? 11 DG  A C8     1 
ATOM   332 N N7     . DG  A 1 11 ? 5.268   12.940  7.669   1.00 0.00 ? 11 DG  A N7     1 
ATOM   333 C C5     . DG  A 1 11 ? 3.943   13.245  7.313   1.00 0.00 ? 11 DG  A C5     1 
ATOM   334 C C6     . DG  A 1 11 ? 2.677   12.946  7.940   1.00 0.00 ? 11 DG  A C6     1 
ATOM   335 O O6     . DG  A 1 11 ? 2.423   12.340  8.984   1.00 0.00 ? 11 DG  A O6     1 
ATOM   336 N N1     . DG  A 1 11 ? 1.594   13.467  7.263   1.00 0.00 ? 11 DG  A N1     1 
ATOM   337 C C2     . DG  A 1 11 ? 1.688   14.152  6.102   1.00 0.00 ? 11 DG  A C2     1 
ATOM   338 N N2     . DG  A 1 11 ? 0.573   14.545  5.551   1.00 0.00 ? 11 DG  A N2     1 
ATOM   339 N N3     . DG  A 1 11 ? 2.827   14.501  5.513   1.00 0.00 ? 11 DG  A N3     1 
ATOM   340 C C4     . DG  A 1 11 ? 3.927   14.000  6.155   1.00 0.00 ? 11 DG  A C4     1 
ATOM   341 H "H5'"  . DG  A 1 11 ? 8.692   13.657  2.425   1.00 0.00 ? 11 DG  A "H5'"  1 
ATOM   342 H "H5''" . DG  A 1 11 ? 9.261   15.281  2.024   1.00 0.00 ? 11 DG  A "H5''" 1 
ATOM   343 H "H4'"  . DG  A 1 11 ? 6.896   15.389  2.181   1.00 0.00 ? 11 DG  A "H4'"  1 
ATOM   344 H "H3'"  . DG  A 1 11 ? 8.411   16.854  4.202   1.00 0.00 ? 11 DG  A "H3'"  1 
ATOM   345 H "H2'"  . DG  A 1 11 ? 7.207   15.956  5.936   1.00 0.00 ? 11 DG  A "H2'"  1 
ATOM   346 H "H2''" . DG  A 1 11 ? 5.897   17.046  5.407   1.00 0.00 ? 11 DG  A "H2''" 1 
ATOM   347 H "H1'"  . DG  A 1 11 ? 4.893   15.335  4.044   1.00 0.00 ? 11 DG  A "H1'"  1 
ATOM   348 H H8     . DG  A 1 11 ? 7.055   13.432  6.665   1.00 0.00 ? 11 DG  A H8     1 
ATOM   349 H H1     . DG  A 1 11 ? 0.678   13.214  7.600   1.00 0.00 ? 11 DG  A H1     1 
ATOM   350 H H21    . DG  A 1 11 ? 0.649   14.898  4.616   1.00 0.00 ? 11 DG  A H21    1 
ATOM   351 H H22    . DG  A 1 11 ? -0.326  14.294  5.959   1.00 0.00 ? 11 DG  A H22    1 
ATOM   352 P P      . DT  A 1 12 ? 6.695   19.147  3.578   1.00 0.00 ? 12 DT  A P      1 
ATOM   353 O OP1    . DT  A 1 12 ? 6.727   20.056  2.410   1.00 0.00 ? 12 DT  A OP1    1 
ATOM   354 O OP2    . DT  A 1 12 ? 7.585   19.394  4.730   1.00 0.00 ? 12 DT  A OP2    1 
ATOM   355 O "O5'"  . DT  A 1 12 ? 5.193   19.166  4.135   1.00 0.00 ? 12 DT  A "O5'"  1 
ATOM   356 C "C5'"  . DT  A 1 12 ? 4.090   18.986  3.263   1.00 0.00 ? 12 DT  A "C5'"  1 
ATOM   357 C "C4'"  . DT  A 1 12 ? 2.775   19.067  4.041   1.00 0.00 ? 12 DT  A "C4'"  1 
ATOM   358 O "O4'"  . DT  A 1 12 ? 2.631   17.925  4.863   1.00 0.00 ? 12 DT  A "O4'"  1 
ATOM   359 C "C3'"  . DT  A 1 12 ? 2.674   20.296  4.962   1.00 0.00 ? 12 DT  A "C3'"  1 
ATOM   360 O "O3'"  . DT  A 1 12 ? 1.878   21.344  4.418   1.00 0.00 ? 12 DT  A "O3'"  1 
ATOM   361 C "C2'"  . DT  A 1 12 ? 2.036   19.745  6.231   1.00 0.00 ? 12 DT  A "C2'"  1 
ATOM   362 C "C1'"  . DT  A 1 12 ? 1.796   18.259  5.950   1.00 0.00 ? 12 DT  A "C1'"  1 
ATOM   363 N N1     . DT  A 1 12 ? 2.129   17.441  7.142   1.00 0.00 ? 12 DT  A N1     1 
ATOM   364 C C2     . DT  A 1 12 ? 1.082   17.095  8.000   1.00 0.00 ? 12 DT  A C2     1 
ATOM   365 O O2     . DT  A 1 12 ? -0.079  17.463  7.844   1.00 0.00 ? 12 DT  A O2     1 
ATOM   366 N N3     . DT  A 1 12 ? 1.422   16.392  9.126   1.00 0.00 ? 12 DT  A N3     1 
ATOM   367 C C4     . DT  A 1 12 ? 2.697   16.110  9.552   1.00 0.00 ? 12 DT  A C4     1 
ATOM   368 O O4     . DT  A 1 12 ? 2.838   15.567  10.644  1.00 0.00 ? 12 DT  A O4     1 
ATOM   369 C C5     . DT  A 1 12 ? 3.755   16.547  8.640   1.00 0.00 ? 12 DT  A C5     1 
ATOM   370 C C7     . DT  A 1 12 ? 5.214   16.305  8.992   1.00 0.00 ? 12 DT  A C7     1 
ATOM   371 C C6     . DT  A 1 12 ? 3.443   17.177  7.476   1.00 0.00 ? 12 DT  A C6     1 
ATOM   372 H "H5'"  . DT  A 1 12 ? 4.163   18.012  2.776   1.00 0.00 ? 12 DT  A "H5'"  1 
ATOM   373 H "H5''" . DT  A 1 12 ? 4.109   19.761  2.496   1.00 0.00 ? 12 DT  A "H5''" 1 
ATOM   374 H "H4'"  . DT  A 1 12 ? 1.945   19.083  3.333   1.00 0.00 ? 12 DT  A "H4'"  1 
ATOM   375 H "H3'"  . DT  A 1 12 ? 3.672   20.669  5.204   1.00 0.00 ? 12 DT  A "H3'"  1 
ATOM   376 H "HO3'" . DT  A 1 12 ? 2.395   21.766  3.724   1.00 0.00 ? 12 DT  A "HO3'" 1 
ATOM   377 H "H2'"  . DT  A 1 12 ? 2.731   19.873  7.062   1.00 0.00 ? 12 DT  A "H2'"  1 
ATOM   378 H "H2''" . DT  A 1 12 ? 1.091   20.238  6.460   1.00 0.00 ? 12 DT  A "H2''" 1 
ATOM   379 H "H1'"  . DT  A 1 12 ? 0.752   18.096  5.664   1.00 0.00 ? 12 DT  A "H1'"  1 
ATOM   380 H H3     . DT  A 1 12 ? 0.658   16.008  9.661   1.00 0.00 ? 12 DT  A H3     1 
ATOM   381 H H71    . DT  A 1 12 ? 5.452   16.827  9.918   1.00 0.00 ? 12 DT  A H71    1 
ATOM   382 H H72    . DT  A 1 12 ? 5.367   15.238  9.157   1.00 0.00 ? 12 DT  A H72    1 
ATOM   383 H H73    . DT  A 1 12 ? 5.876   16.646  8.197   1.00 0.00 ? 12 DT  A H73    1 
ATOM   384 H H6     . DT  A 1 12 ? 4.219   17.477  6.784   1.00 0.00 ? 12 DT  A H6     1 
ATOM   385 O "O5'"  . DA  B 2 1  ? -6.383  12.947  15.747  1.00 0.00 ? 13 DA  B "O5'"  1 
ATOM   386 C "C5'"  . DA  B 2 1  ? -6.818  12.084  14.710  1.00 0.00 ? 13 DA  B "C5'"  1 
ATOM   387 C "C4'"  . DA  B 2 1  ? -6.941  12.878  13.403  1.00 0.00 ? 13 DA  B "C4'"  1 
ATOM   388 O "O4'"  . DA  B 2 1  ? -5.666  13.442  13.112  1.00 0.00 ? 13 DA  B "O4'"  1 
ATOM   389 C "C3'"  . DA  B 2 1  ? -7.335  11.984  12.227  1.00 0.00 ? 13 DA  B "C3'"  1 
ATOM   390 O "O3'"  . DA  B 2 1  ? -8.226  12.713  11.408  1.00 0.00 ? 13 DA  B "O3'"  1 
ATOM   391 C "C2'"  . DA  B 2 1  ? -5.998  11.704  11.546  1.00 0.00 ? 13 DA  B "C2'"  1 
ATOM   392 C "C1'"  . DA  B 2 1  ? -5.229  12.990  11.835  1.00 0.00 ? 13 DA  B "C1'"  1 
ATOM   393 N N9     . DA  B 2 1  ? -3.760  12.801  11.881  1.00 0.00 ? 13 DA  B N9     1 
ATOM   394 C C8     . DA  B 2 1  ? -3.038  11.857  12.570  1.00 0.00 ? 13 DA  B C8     1 
ATOM   395 N N7     . DA  B 2 1  ? -1.744  12.011  12.511  1.00 0.00 ? 13 DA  B N7     1 
ATOM   396 C C5     . DA  B 2 1  ? -1.603  13.136  11.677  1.00 0.00 ? 13 DA  B C5     1 
ATOM   397 C C6     . DA  B 2 1  ? -0.513  13.895  11.183  1.00 0.00 ? 13 DA  B C6     1 
ATOM   398 N N6     . DA  B 2 1  ? 0.758   13.651  11.439  1.00 0.00 ? 13 DA  B N6     1 
ATOM   399 N N1     . DA  B 2 1  ? -0.714  14.973  10.427  1.00 0.00 ? 13 DA  B N1     1 
ATOM   400 C C2     . DA  B 2 1  ? -1.959  15.286  10.095  1.00 0.00 ? 13 DA  B C2     1 
ATOM   401 N N3     . DA  B 2 1  ? -3.076  14.695  10.501  1.00 0.00 ? 13 DA  B N3     1 
ATOM   402 C C4     . DA  B 2 1  ? -2.825  13.614  11.287  1.00 0.00 ? 13 DA  B C4     1 
ATOM   403 H "H5'"  . DA  B 2 1  ? -7.790  11.658  14.968  1.00 0.00 ? 13 DA  B "H5'"  1 
ATOM   404 H "H5''" . DA  B 2 1  ? -6.098  11.275  14.573  1.00 0.00 ? 13 DA  B "H5''" 1 
ATOM   405 H "H4'"  . DA  B 2 1  ? -7.690  13.665  13.519  1.00 0.00 ? 13 DA  B "H4'"  1 
ATOM   406 H "H3'"  . DA  B 2 1  ? -7.809  11.062  12.567  1.00 0.00 ? 13 DA  B "H3'"  1 
ATOM   407 H "H2'"  . DA  B 2 1  ? -5.529  10.839  12.009  1.00 0.00 ? 13 DA  B "H2'"  1 
ATOM   408 H "H2''" . DA  B 2 1  ? -6.107  11.541  10.474  1.00 0.00 ? 13 DA  B "H2''" 1 
ATOM   409 H "H1'"  . DA  B 2 1  ? -5.485  13.727  11.064  1.00 0.00 ? 13 DA  B "H1'"  1 
ATOM   410 H H8     . DA  B 2 1  ? -3.507  11.072  13.146  1.00 0.00 ? 13 DA  B H8     1 
ATOM   411 H H61    . DA  B 2 1  ? 1.004   12.759  11.828  1.00 0.00 ? 13 DA  B H61    1 
ATOM   412 H H62    . DA  B 2 1  ? 1.463   14.215  10.976  1.00 0.00 ? 13 DA  B H62    1 
ATOM   413 H H2     . DA  B 2 1  ? -2.079  16.149  9.454   1.00 0.00 ? 13 DA  B H2     1 
ATOM   414 H "HO5'" . DA  B 2 1  ? -5.762  13.566  15.339  1.00 0.00 ? 13 DA  B "HO5'" 1 
ATOM   415 P P      . DC  B 2 2  ? -9.020  12.012  10.199  1.00 0.00 ? 14 DC  B P      1 
ATOM   416 O OP1    . DC  B 2 2  ? -10.256 12.792  9.987   1.00 0.00 ? 14 DC  B OP1    1 
ATOM   417 O OP2    . DC  B 2 2  ? -9.091  10.569  10.507  1.00 0.00 ? 14 DC  B OP2    1 
ATOM   418 O "O5'"  . DC  B 2 2  ? -8.002  12.255  8.977   1.00 0.00 ? 14 DC  B "O5'"  1 
ATOM   419 C "C5'"  . DC  B 2 2  ? -7.830  13.561  8.447   1.00 0.00 ? 14 DC  B "C5'"  1 
ATOM   420 C "C4'"  . DC  B 2 2  ? -6.627  13.713  7.505   1.00 0.00 ? 14 DC  B "C4'"  1 
ATOM   421 O "O4'"  . DC  B 2 2  ? -5.399  13.431  8.165   1.00 0.00 ? 14 DC  B "O4'"  1 
ATOM   422 C "C3'"  . DC  B 2 2  ? -6.669  12.874  6.219   1.00 0.00 ? 14 DC  B "C3'"  1 
ATOM   423 O "O3'"  . DC  B 2 2  ? -6.663  13.762  5.109   1.00 0.00 ? 14 DC  B "O3'"  1 
ATOM   424 C "C2'"  . DC  B 2 2  ? -5.366  12.078  6.287   1.00 0.00 ? 14 DC  B "C2'"  1 
ATOM   425 C "C1'"  . DC  B 2 2  ? -4.502  12.987  7.162   1.00 0.00 ? 14 DC  B "C1'"  1 
ATOM   426 N N1     . DC  B 2 2  ? -3.307  12.330  7.763   1.00 0.00 ? 14 DC  B N1     1 
ATOM   427 C C2     . DC  B 2 2  ? -2.038  12.890  7.561   1.00 0.00 ? 14 DC  B C2     1 
ATOM   428 O O2     . DC  B 2 2  ? -1.871  13.899  6.877   1.00 0.00 ? 14 DC  B O2     1 
ATOM   429 N N3     . DC  B 2 2  ? -0.944  12.339  8.139   1.00 0.00 ? 14 DC  B N3     1 
ATOM   430 C C4     . DC  B 2 2  ? -1.088  11.255  8.862   1.00 0.00 ? 14 DC  B C4     1 
ATOM   431 N N4     . DC  B 2 2  ? 0.005   10.789  9.391   1.00 0.00 ? 14 DC  B N4     1 
ATOM   432 C C5     . DC  B 2 2  ? -2.346  10.648  9.127   1.00 0.00 ? 14 DC  B C5     1 
ATOM   433 C C6     . DC  B 2 2  ? -3.439  11.210  8.548   1.00 0.00 ? 14 DC  B C6     1 
ATOM   434 H "H5'"  . DC  B 2 2  ? -7.694  14.262  9.272   1.00 0.00 ? 14 DC  B "H5'"  1 
ATOM   435 H "H5''" . DC  B 2 2  ? -8.737  13.844  7.910   1.00 0.00 ? 14 DC  B "H5''" 1 
ATOM   436 H "H4'"  . DC  B 2 2  ? -6.598  14.757  7.192   1.00 0.00 ? 14 DC  B "H4'"  1 
ATOM   437 H "H3'"  . DC  B 2 2  ? -7.542  12.215  6.199   1.00 0.00 ? 14 DC  B "H3'"  1 
ATOM   438 H "H2'"  . DC  B 2 2  ? -5.557  11.119  6.765   1.00 0.00 ? 14 DC  B "H2'"  1 
ATOM   439 H "H2''" . DC  B 2 2  ? -4.924  11.932  5.301   1.00 0.00 ? 14 DC  B "H2''" 1 
ATOM   440 H "H1'"  . DC  B 2 2  ? -4.190  13.843  6.551   1.00 0.00 ? 14 DC  B "H1'"  1 
ATOM   441 H H41    . DC  B 2 2  ? -0.005  9.949   9.926   1.00 0.00 ? 14 DC  B H41    1 
ATOM   442 H H42    . DC  B 2 2  ? 0.872   11.262  9.138   1.00 0.00 ? 14 DC  B H42    1 
ATOM   443 H H5     . DC  B 2 2  ? -2.444  9.767   9.737   1.00 0.00 ? 14 DC  B H5     1 
ATOM   444 H H6     . DC  B 2 2  ? -4.429  10.796  8.701   1.00 0.00 ? 14 DC  B H6     1 
ATOM   445 P P      . DA  B 2 3  ? -6.979  13.271  3.607   1.00 0.00 ? 15 DA  B P      1 
ATOM   446 O OP1    . DA  B 2 3  ? -7.691  14.378  2.933   1.00 0.00 ? 15 DA  B OP1    1 
ATOM   447 O OP2    . DA  B 2 3  ? -7.598  11.932  3.682   1.00 0.00 ? 15 DA  B OP2    1 
ATOM   448 O "O5'"  . DA  B 2 3  ? -5.509  13.132  2.956   1.00 0.00 ? 15 DA  B "O5'"  1 
ATOM   449 C "C5'"  . DA  B 2 3  ? -4.812  14.296  2.533   1.00 0.00 ? 15 DA  B "C5'"  1 
ATOM   450 C "C4'"  . DA  B 2 3  ? -3.463  14.038  1.844   1.00 0.00 ? 15 DA  B "C4'"  1 
ATOM   451 O "O4'"  . DA  B 2 3  ? -2.497  13.601  2.788   1.00 0.00 ? 15 DA  B "O4'"  1 
ATOM   452 C "C3'"  . DA  B 2 3  ? -3.493  13.050  0.669   1.00 0.00 ? 15 DA  B "C3'"  1 
ATOM   453 O "O3'"  . DA  B 2 3  ? -2.901  13.696  -0.456  1.00 0.00 ? 15 DA  B "O3'"  1 
ATOM   454 C "C2'"  . DA  B 2 3  ? -2.659  11.881  1.200   1.00 0.00 ? 15 DA  B "C2'"  1 
ATOM   455 C "C1'"  . DA  B 2 3  ? -1.730  12.560  2.209   1.00 0.00 ? 15 DA  B "C1'"  1 
ATOM   456 N N9     . DA  B 2 3  ? -1.264  11.685  3.311   1.00 0.00 ? 15 DA  B N9     1 
ATOM   457 C C8     . DA  B 2 3  ? -2.025  10.969  4.205   1.00 0.00 ? 15 DA  B C8     1 
ATOM   458 N N7     . DA  B 2 3  ? -1.349  10.408  5.175   1.00 0.00 ? 15 DA  B N7     1 
ATOM   459 C C5     . DA  B 2 3  ? -0.022  10.759  4.863   1.00 0.00 ? 15 DA  B C5     1 
ATOM   460 C C6     . DA  B 2 3  ? 1.242   10.526  5.457   1.00 0.00 ? 15 DA  B C6     1 
ATOM   461 N N6     . DA  B 2 3  ? 1.436   9.852   6.572   1.00 0.00 ? 15 DA  B N6     1 
ATOM   462 N N1     . DA  B 2 3  ? 2.361   11.010  4.924   1.00 0.00 ? 15 DA  B N1     1 
ATOM   463 C C2     . DA  B 2 3  ? 2.262   11.726  3.810   1.00 0.00 ? 15 DA  B C2     1 
ATOM   464 N N3     . DA  B 2 3  ? 1.155   12.062  3.156   1.00 0.00 ? 15 DA  B N3     1 
ATOM   465 C C4     . DA  B 2 3  ? 0.039   11.528  3.730   1.00 0.00 ? 15 DA  B C4     1 
ATOM   466 H "H5'"  . DA  B 2 3  ? -4.640  14.936  3.398   1.00 0.00 ? 15 DA  B "H5'"  1 
ATOM   467 H "H5''" . DA  B 2 3  ? -5.447  14.834  1.827   1.00 0.00 ? 15 DA  B "H5''" 1 
ATOM   468 H "H4'"  . DA  B 2 3  ? -3.123  14.993  1.446   1.00 0.00 ? 15 DA  B "H4'"  1 
ATOM   469 H "H3'"  . DA  B 2 3  ? -4.515  12.734  0.440   1.00 0.00 ? 15 DA  B "H3'"  1 
ATOM   470 H "H2'"  . DA  B 2 3  ? -3.318  11.164  1.690   1.00 0.00 ? 15 DA  B "H2'"  1 
ATOM   471 H "H2''" . DA  B 2 3  ? -2.093  11.393  0.408   1.00 0.00 ? 15 DA  B "H2''" 1 
ATOM   472 H "H1'"  . DA  B 2 3  ? -0.872  12.976  1.671   1.00 0.00 ? 15 DA  B "H1'"  1 
ATOM   473 H H8     . DA  B 2 3  ? -3.103  10.913  4.121   1.00 0.00 ? 15 DA  B H8     1 
ATOM   474 H H61    . DA  B 2 3  ? 0.658   9.385   6.989   1.00 0.00 ? 15 DA  B H61    1 
ATOM   475 H H62    . DA  B 2 3  ? 2.386   9.720   6.906   1.00 0.00 ? 15 DA  B H62    1 
ATOM   476 H H2     . DA  B 2 3  ? 3.193   12.100  3.402   1.00 0.00 ? 15 DA  B H2     1 
ATOM   477 P P      . DA  B 2 4  ? -2.953  13.082  -1.947  1.00 0.00 ? 16 DA  B P      1 
ATOM   478 O OP1    . DA  B 2 4  ? -2.881  14.213  -2.899  1.00 0.00 ? 16 DA  B OP1    1 
ATOM   479 O OP2    . DA  B 2 4  ? -4.076  12.126  -2.023  1.00 0.00 ? 16 DA  B OP2    1 
ATOM   480 O "O5'"  . DA  B 2 4  ? -1.569  12.266  -2.016  1.00 0.00 ? 16 DA  B "O5'"  1 
ATOM   481 C "C5'"  . DA  B 2 4  ? -0.333  12.955  -2.119  1.00 0.00 ? 16 DA  B "C5'"  1 
ATOM   482 C "C4'"  . DA  B 2 4  ? 0.887   12.038  -1.967  1.00 0.00 ? 16 DA  B "C4'"  1 
ATOM   483 O "O4'"  . DA  B 2 4  ? 0.945   11.504  -0.654  1.00 0.00 ? 16 DA  B "O4'"  1 
ATOM   484 C "C3'"  . DA  B 2 4  ? 0.971   10.873  -2.965  1.00 0.00 ? 16 DA  B "C3'"  1 
ATOM   485 O "O3'"  . DA  B 2 4  ? 2.082   11.091  -3.830  1.00 0.00 ? 16 DA  B "O3'"  1 
ATOM   486 C "C2'"  . DA  B 2 4  ? 1.155   9.655   -2.054  1.00 0.00 ? 16 DA  B "C2'"  1 
ATOM   487 C "C1'"  . DA  B 2 4  ? 1.606   10.258  -0.723  1.00 0.00 ? 16 DA  B "C1'"  1 
ATOM   488 N N9     . DA  B 2 4  ? 1.228   9.450   0.458   1.00 0.00 ? 16 DA  B N9     1 
ATOM   489 C C8     . DA  B 2 4  ? -0.027  9.057   0.854   1.00 0.00 ? 16 DA  B C8     1 
ATOM   490 N N7     . DA  B 2 4  ? -0.061  8.387   1.977   1.00 0.00 ? 16 DA  B N7     1 
ATOM   491 C C5     . DA  B 2 4  ? 1.299   8.331   2.338   1.00 0.00 ? 16 DA  B C5     1 
ATOM   492 C C6     . DA  B 2 4  ? 2.024   7.783   3.423   1.00 0.00 ? 16 DA  B C6     1 
ATOM   493 N N6     . DA  B 2 4  ? 1.479   7.124   4.425   1.00 0.00 ? 16 DA  B N6     1 
ATOM   494 N N1     . DA  B 2 4  ? 3.350   7.897   3.502   1.00 0.00 ? 16 DA  B N1     1 
ATOM   495 C C2     . DA  B 2 4  ? 3.978   8.543   2.527   1.00 0.00 ? 16 DA  B C2     1 
ATOM   496 N N3     . DA  B 2 4  ? 3.440   9.107   1.451   1.00 0.00 ? 16 DA  B N3     1 
ATOM   497 C C4     . DA  B 2 4  ? 2.086   8.969   1.418   1.00 0.00 ? 16 DA  B C4     1 
ATOM   498 H "H5'"  . DA  B 2 4  ? -0.283  13.723  -1.345  1.00 0.00 ? 16 DA  B "H5'"  1 
ATOM   499 H "H5''" . DA  B 2 4  ? -0.290  13.444  -3.094  1.00 0.00 ? 16 DA  B "H5''" 1 
ATOM   500 H "H4'"  . DA  B 2 4  ? 1.778   12.648  -2.111  1.00 0.00 ? 16 DA  B "H4'"  1 
ATOM   501 H "H3'"  . DA  B 2 4  ? 0.046   10.786  -3.540  1.00 0.00 ? 16 DA  B "H3'"  1 
ATOM   502 H "H2'"  . DA  B 2 4  ? 0.200   9.141   -1.947  1.00 0.00 ? 16 DA  B "H2'"  1 
ATOM   503 H "H2''" . DA  B 2 4  ? 1.908   8.972   -2.439  1.00 0.00 ? 16 DA  B "H2''" 1 
ATOM   504 H "H1'"  . DA  B 2 4  ? 2.692   10.403  -0.740  1.00 0.00 ? 16 DA  B "H1'"  1 
ATOM   505 H H8     . DA  B 2 4  ? -0.911  9.301   0.282   1.00 0.00 ? 16 DA  B H8     1 
ATOM   506 H H61    . DA  B 2 4  ? 0.493   6.948   4.404   1.00 0.00 ? 16 DA  B H61    1 
ATOM   507 H H62    . DA  B 2 4  ? 2.085   6.772   5.157   1.00 0.00 ? 16 DA  B H62    1 
ATOM   508 H H2     . DA  B 2 4  ? 5.055   8.608   2.613   1.00 0.00 ? 16 DA  B H2     1 
ATOM   509 P P      . DA  B 2 5  ? 2.429   10.125  -5.076  1.00 0.00 ? 17 DA  B P      1 
ATOM   510 O OP1    . DA  B 2 5  ? 3.064   10.950  -6.125  1.00 0.00 ? 17 DA  B OP1    1 
ATOM   511 O OP2    . DA  B 2 5  ? 1.231   9.323   -5.401  1.00 0.00 ? 17 DA  B OP2    1 
ATOM   512 O "O5'"  . DA  B 2 5  ? 3.548   9.153   -4.445  1.00 0.00 ? 17 DA  B "O5'"  1 
ATOM   513 C "C5'"  . DA  B 2 5  ? 4.821   9.669   -4.073  1.00 0.00 ? 17 DA  B "C5'"  1 
ATOM   514 C "C4'"  . DA  B 2 5  ? 5.718   8.649   -3.358  1.00 0.00 ? 17 DA  B "C4'"  1 
ATOM   515 O "O4'"  . DA  B 2 5  ? 5.133   8.288   -2.114  1.00 0.00 ? 17 DA  B "O4'"  1 
ATOM   516 C "C3'"  . DA  B 2 5  ? 6.002   7.376   -4.170  1.00 0.00 ? 17 DA  B "C3'"  1 
ATOM   517 O "O3'"  . DA  B 2 5  ? 7.411   7.202   -4.305  1.00 0.00 ? 17 DA  B "O3'"  1 
ATOM   518 C "C2'"  . DA  B 2 5  ? 5.341   6.298   -3.311  1.00 0.00 ? 17 DA  B "C2'"  1 
ATOM   519 C "C1'"  . DA  B 2 5  ? 5.330   6.904   -1.906  1.00 0.00 ? 17 DA  B "C1'"  1 
ATOM   520 N N9     . DA  B 2 5  ? 4.231   6.381   -1.063  1.00 0.00 ? 17 DA  B N9     1 
ATOM   521 C C8     . DA  B 2 5  ? 2.883   6.398   -1.323  1.00 0.00 ? 17 DA  B C8     1 
ATOM   522 N N7     . DA  B 2 5  ? 2.139   5.862   -0.392  1.00 0.00 ? 17 DA  B N7     1 
ATOM   523 C C5     . DA  B 2 5  ? 3.089   5.482   0.576   1.00 0.00 ? 17 DA  B C5     1 
ATOM   524 C C6     . DA  B 2 5  ? 3.032   4.868   1.849   1.00 0.00 ? 17 DA  B C6     1 
ATOM   525 N N6     . DA  B 2 5  ? 1.914   4.496   2.440   1.00 0.00 ? 17 DA  B N6     1 
ATOM   526 N N1     . DA  B 2 5  ? 4.136   4.601   2.550   1.00 0.00 ? 17 DA  B N1     1 
ATOM   527 C C2     . DA  B 2 5  ? 5.302   4.939   2.010   1.00 0.00 ? 17 DA  B C2     1 
ATOM   528 N N3     . DA  B 2 5  ? 5.519   5.515   0.833   1.00 0.00 ? 17 DA  B N3     1 
ATOM   529 C C4     . DA  B 2 5  ? 4.362   5.774   0.165   1.00 0.00 ? 17 DA  B C4     1 
ATOM   530 H "H5'"  . DA  B 2 5  ? 4.676   10.519  -3.406  1.00 0.00 ? 17 DA  B "H5'"  1 
ATOM   531 H "H5''" . DA  B 2 5  ? 5.334   10.023  -4.968  1.00 0.00 ? 17 DA  B "H5''" 1 
ATOM   532 H "H4'"  . DA  B 2 5  ? 6.676   9.126   -3.151  1.00 0.00 ? 17 DA  B "H4'"  1 
ATOM   533 H "H3'"  . DA  B 2 5  ? 5.528   7.430   -5.154  1.00 0.00 ? 17 DA  B "H3'"  1 
ATOM   534 H "H2'"  . DA  B 2 5  ? 4.323   6.143   -3.669  1.00 0.00 ? 17 DA  B "H2'"  1 
ATOM   535 H "H2''" . DA  B 2 5  ? 5.896   5.365   -3.328  1.00 0.00 ? 17 DA  B "H2''" 1 
ATOM   536 H "H1'"  . DA  B 2 5  ? 6.294   6.725   -1.419  1.00 0.00 ? 17 DA  B "H1'"  1 
ATOM   537 H H8     . DA  B 2 5  ? 2.483   6.828   -2.234  1.00 0.00 ? 17 DA  B H8     1 
ATOM   538 H H61    . DA  B 2 5  ? 1.043   4.648   1.969   1.00 0.00 ? 17 DA  B H61    1 
ATOM   539 H H62    . DA  B 2 5  ? 1.963   4.105   3.374   1.00 0.00 ? 17 DA  B H62    1 
ATOM   540 H H2     . DA  B 2 5  ? 6.182   4.714   2.599   1.00 0.00 ? 17 DA  B H2     1 
ATOM   541 P P      . DC  B 2 6  ? 8.083   6.085   -5.264  1.00 0.00 ? 18 DC  B P      1 
ATOM   542 O OP1    . DC  B 2 6  ? 9.473   6.509   -5.542  1.00 0.00 ? 18 DC  B OP1    1 
ATOM   543 O OP2    . DC  B 2 6  ? 7.170   5.817   -6.396  1.00 0.00 ? 18 DC  B OP2    1 
ATOM   544 O "O5'"  . DC  B 2 6  ? 8.127   4.782   -4.315  1.00 0.00 ? 18 DC  B "O5'"  1 
ATOM   545 C "C5'"  . DC  B 2 6  ? 9.004   4.729   -3.196  1.00 0.00 ? 18 DC  B "C5'"  1 
ATOM   546 C "C4'"  . DC  B 2 6  ? 8.792   3.493   -2.305  1.00 0.00 ? 18 DC  B "C4'"  1 
ATOM   547 O "O4'"  . DC  B 2 6  ? 7.555   3.572   -1.617  1.00 0.00 ? 18 DC  B "O4'"  1 
ATOM   548 C "C3'"  . DC  B 2 6  ? 8.837   2.145   -3.041  1.00 0.00 ? 18 DC  B "C3'"  1 
ATOM   549 O "O3'"  . DC  B 2 6  ? 9.985   1.404   -2.634  1.00 0.00 ? 18 DC  B "O3'"  1 
ATOM   550 C "C2'"  . DC  B 2 6  ? 7.538   1.468   -2.598  1.00 0.00 ? 18 DC  B "C2'"  1 
ATOM   551 C "C1'"  . DC  B 2 6  ? 7.124   2.253   -1.350  1.00 0.00 ? 18 DC  B "C1'"  1 
ATOM   552 N N1     . DC  B 2 6  ? 5.658   2.258   -1.085  1.00 0.00 ? 18 DC  B N1     1 
ATOM   553 C C2     . DC  B 2 6  ? 5.163   1.721   0.112   1.00 0.00 ? 18 DC  B C2     1 
ATOM   554 O O2     . DC  B 2 6  ? 5.902   1.191   0.940   1.00 0.00 ? 18 DC  B O2     1 
ATOM   555 N N3     . DC  B 2 6  ? 3.837   1.785   0.399   1.00 0.00 ? 18 DC  B N3     1 
ATOM   556 C C4     . DC  B 2 6  ? 3.033   2.344   -0.475  1.00 0.00 ? 18 DC  B C4     1 
ATOM   557 N N4     . DC  B 2 6  ? 1.771   2.376   -0.156  1.00 0.00 ? 18 DC  B N4     1 
ATOM   558 C C5     . DC  B 2 6  ? 3.468   2.903   -1.707  1.00 0.00 ? 18 DC  B C5     1 
ATOM   559 C C6     . DC  B 2 6  ? 4.796   2.846   -1.975  1.00 0.00 ? 18 DC  B C6     1 
ATOM   560 H "H5'"  . DC  B 2 6  ? 8.859   5.621   -2.585  1.00 0.00 ? 18 DC  B "H5'"  1 
ATOM   561 H "H5''" . DC  B 2 6  ? 10.034  4.726   -3.556  1.00 0.00 ? 18 DC  B "H5''" 1 
ATOM   562 H "H4'"  . DC  B 2 6  ? 9.582   3.483   -1.554  1.00 0.00 ? 18 DC  B "H4'"  1 
ATOM   563 H "H3'"  . DC  B 2 6  ? 8.843   2.305   -4.121  1.00 0.00 ? 18 DC  B "H3'"  1 
ATOM   564 H "H2'"  . DC  B 2 6  ? 6.795   1.566   -3.390  1.00 0.00 ? 18 DC  B "H2'"  1 
ATOM   565 H "H2''" . DC  B 2 6  ? 7.695   0.420   -2.355  1.00 0.00 ? 18 DC  B "H2''" 1 
ATOM   566 H "H1'"  . DC  B 2 6  ? 7.665   1.856   -0.483  1.00 0.00 ? 18 DC  B "H1'"  1 
ATOM   567 H H41    . DC  B 2 6  ? 1.142   2.940   -0.693  1.00 0.00 ? 18 DC  B H41    1 
ATOM   568 H H42    . DC  B 2 6  ? 1.511   2.013   0.757   1.00 0.00 ? 18 DC  B H42    1 
ATOM   569 H H5     . DC  B 2 6  ? 2.790   3.362   -2.405  1.00 0.00 ? 18 DC  B H5     1 
ATOM   570 H H6     . DC  B 2 6  ? 5.203   3.271   -2.883  1.00 0.00 ? 18 DC  B H6     1 
ATOM   571 P P      . DA  B 2 7  ? 10.504  0.104   -3.439  1.00 0.00 ? 19 DA  B P      1 
ATOM   572 O OP1    . DA  B 2 7  ? 11.958  -0.036  -3.187  1.00 0.00 ? 19 DA  B OP1    1 
ATOM   573 O OP2    . DA  B 2 7  ? 10.011  0.182   -4.830  1.00 0.00 ? 19 DA  B OP2    1 
ATOM   574 O "O5'"  . DA  B 2 7  ? 9.750   -1.125  -2.721  1.00 0.00 ? 19 DA  B "O5'"  1 
ATOM   575 C "C5'"  . DA  B 2 7  ? 10.216  -1.641  -1.485  1.00 0.00 ? 19 DA  B "C5'"  1 
ATOM   576 C "C4'"  . DA  B 2 7  ? 9.379   -2.818  -0.962  1.00 0.00 ? 19 DA  B "C4'"  1 
ATOM   577 O "O4'"  . DA  B 2 7  ? 8.147   -2.341  -0.443  1.00 0.00 ? 19 DA  B "O4'"  1 
ATOM   578 C "C3'"  . DA  B 2 7  ? 9.083   -3.916  -1.993  1.00 0.00 ? 19 DA  B "C3'"  1 
ATOM   579 O "O3'"  . DA  B 2 7  ? 9.498   -5.170  -1.466  1.00 0.00 ? 19 DA  B "O3'"  1 
ATOM   580 C "C2'"  . DA  B 2 7  ? 7.567   -3.814  -2.165  1.00 0.00 ? 19 DA  B "C2'"  1 
ATOM   581 C "C1'"  . DA  B 2 7  ? 7.114   -3.228  -0.826  1.00 0.00 ? 19 DA  B "C1'"  1 
ATOM   582 N N9     . DA  B 2 7  ? 5.846   -2.464  -0.897  1.00 0.00 ? 19 DA  B N9     1 
ATOM   583 C C8     . DA  B 2 7  ? 5.475   -1.510  -1.813  1.00 0.00 ? 19 DA  B C8     1 
ATOM   584 N N7     . DA  B 2 7  ? 4.304   -0.971  -1.599  1.00 0.00 ? 19 DA  B N7     1 
ATOM   585 C C5     . DA  B 2 7  ? 3.873   -1.629  -0.432  1.00 0.00 ? 19 DA  B C5     1 
ATOM   586 C C6     . DA  B 2 7  ? 2.712   -1.581  0.375   1.00 0.00 ? 19 DA  B C6     1 
ATOM   587 N N6     . DA  B 2 7  ? 1.676   -0.797  0.154   1.00 0.00 ? 19 DA  B N6     1 
ATOM   588 N N1     . DA  B 2 7  ? 2.572   -2.369  1.443   1.00 0.00 ? 19 DA  B N1     1 
ATOM   589 C C2     . DA  B 2 7  ? 3.564   -3.196  1.734   1.00 0.00 ? 19 DA  B C2     1 
ATOM   590 N N3     . DA  B 2 7  ? 4.706   -3.368  1.076   1.00 0.00 ? 19 DA  B N3     1 
ATOM   591 C C4     . DA  B 2 7  ? 4.801   -2.543  -0.004  1.00 0.00 ? 19 DA  B C4     1 
ATOM   592 H "H5'"  . DA  B 2 7  ? 10.204  -0.843  -0.742  1.00 0.00 ? 19 DA  B "H5'"  1 
ATOM   593 H "H5''" . DA  B 2 7  ? 11.246  -1.975  -1.614  1.00 0.00 ? 19 DA  B "H5''" 1 
ATOM   594 H "H4'"  . DA  B 2 7  ? 9.933   -3.278  -0.145  1.00 0.00 ? 19 DA  B "H4'"  1 
ATOM   595 H "H3'"  . DA  B 2 7  ? 9.593   -3.716  -2.938  1.00 0.00 ? 19 DA  B "H3'"  1 
ATOM   596 H "H2'"  . DA  B 2 7  ? 7.357   -3.130  -2.986  1.00 0.00 ? 19 DA  B "H2'"  1 
ATOM   597 H "H2''" . DA  B 2 7  ? 7.108   -4.784  -2.353  1.00 0.00 ? 19 DA  B "H2''" 1 
ATOM   598 H "H1'"  . DA  B 2 7  ? 7.023   -4.037  -0.092  1.00 0.00 ? 19 DA  B "H1'"  1 
ATOM   599 H H8     . DA  B 2 7  ? 6.113   -1.226  -2.638  1.00 0.00 ? 19 DA  B H8     1 
ATOM   600 H H61    . DA  B 2 7  ? 1.744   -0.093  -0.556  1.00 0.00 ? 19 DA  B H61    1 
ATOM   601 H H62    . DA  B 2 7  ? 0.861   -0.887  0.751   1.00 0.00 ? 19 DA  B H62    1 
ATOM   602 H H2     . DA  B 2 7  ? 3.416   -3.820  2.604   1.00 0.00 ? 19 DA  B H2     1 
ATOM   603 P P      . DA  B 2 8  ? 9.484   -6.520  -2.343  1.00 0.00 ? 20 DA  B P      1 
ATOM   604 O OP1    . DA  B 2 8  ? 10.671  -7.318  -1.962  1.00 0.00 ? 20 DA  B OP1    1 
ATOM   605 O OP2    . DA  B 2 8  ? 9.254   -6.171  -3.760  1.00 0.00 ? 20 DA  B OP2    1 
ATOM   606 O "O5'"  . DA  B 2 8  ? 8.172   -7.258  -1.789  1.00 0.00 ? 20 DA  B "O5'"  1 
ATOM   607 C "C5'"  . DA  B 2 8  ? 8.151   -7.787  -0.471  1.00 0.00 ? 20 DA  B "C5'"  1 
ATOM   608 C "C4'"  . DA  B 2 8  ? 6.788   -8.358  -0.070  1.00 0.00 ? 20 DA  B "C4'"  1 
ATOM   609 O "O4'"  . DA  B 2 8  ? 5.844   -7.306  0.044   1.00 0.00 ? 20 DA  B "O4'"  1 
ATOM   610 C "C3'"  . DA  B 2 8  ? 6.225   -9.421  -1.025  1.00 0.00 ? 20 DA  B "C3'"  1 
ATOM   611 O "O3'"  . DA  B 2 8  ? 5.987   -10.619 -0.295  1.00 0.00 ? 20 DA  B "O3'"  1 
ATOM   612 C "C2'"  . DA  B 2 8  ? 4.926   -8.779  -1.513  1.00 0.00 ? 20 DA  B "C2'"  1 
ATOM   613 C "C1'"  . DA  B 2 8  ? 4.593   -7.801  -0.380  1.00 0.00 ? 20 DA  B "C1'"  1 
ATOM   614 N N9     . DA  B 2 8  ? 3.723   -6.667  -0.779  1.00 0.00 ? 20 DA  B N9     1 
ATOM   615 C C8     . DA  B 2 8  ? 3.769   -5.908  -1.923  1.00 0.00 ? 20 DA  B C8     1 
ATOM   616 N N7     . DA  B 2 8  ? 2.796   -5.046  -2.044  1.00 0.00 ? 20 DA  B N7     1 
ATOM   617 C C5     . DA  B 2 8  ? 2.076   -5.223  -0.847  1.00 0.00 ? 20 DA  B C5     1 
ATOM   618 C C6     . DA  B 2 8  ? 0.927   -4.629  -0.269  1.00 0.00 ? 20 DA  B C6     1 
ATOM   619 N N6     . DA  B 2 8  ? 0.234   -3.637  -0.794  1.00 0.00 ? 20 DA  B N6     1 
ATOM   620 N N1     . DA  B 2 8  ? 0.457   -5.044  0.903   1.00 0.00 ? 20 DA  B N1     1 
ATOM   621 C C2     . DA  B 2 8  ? 1.109   -6.005  1.538   1.00 0.00 ? 20 DA  B C2     1 
ATOM   622 N N3     . DA  B 2 8  ? 2.211   -6.638  1.150   1.00 0.00 ? 20 DA  B N3     1 
ATOM   623 C C4     . DA  B 2 8  ? 2.648   -6.193  -0.065  1.00 0.00 ? 20 DA  B C4     1 
ATOM   624 H "H5'"  . DA  B 2 8  ? 8.409   -6.997  0.236   1.00 0.00 ? 20 DA  B "H5'"  1 
ATOM   625 H "H5''" . DA  B 2 8  ? 8.898   -8.577  -0.396  1.00 0.00 ? 20 DA  B "H5''" 1 
ATOM   626 H "H4'"  . DA  B 2 8  ? 6.891   -8.821  0.912   1.00 0.00 ? 20 DA  B "H4'"  1 
ATOM   627 H "H3'"  . DA  B 2 8  ? 6.910   -9.602  -1.856  1.00 0.00 ? 20 DA  B "H3'"  1 
ATOM   628 H "H2'"  . DA  B 2 8  ? 5.128   -8.251  -2.445  1.00 0.00 ? 20 DA  B "H2'"  1 
ATOM   629 H "H2''" . DA  B 2 8  ? 4.134   -9.514  -1.657  1.00 0.00 ? 20 DA  B "H2''" 1 
ATOM   630 H "H1'"  . DA  B 2 8  ? 4.123   -8.351  0.441   1.00 0.00 ? 20 DA  B "H1'"  1 
ATOM   631 H H8     . DA  B 2 8  ? 4.549   -6.032  -2.665  1.00 0.00 ? 20 DA  B H8     1 
ATOM   632 H H61    . DA  B 2 8  ? 0.550   -3.224  -1.651  1.00 0.00 ? 20 DA  B H61    1 
ATOM   633 H H62    . DA  B 2 8  ? -0.437  -3.182  -0.190  1.00 0.00 ? 20 DA  B H62    1 
ATOM   634 H H2     . DA  B 2 8  ? 0.693   -6.314  2.486   1.00 0.00 ? 20 DA  B H2     1 
ATOM   635 P P      . DG  B 2 9  ? 5.642   -12.023 -1.011  1.00 0.00 ? 21 DG  B P      1 
ATOM   636 O OP1    . DG  B 2 9  ? 6.348   -13.086 -0.268  1.00 0.00 ? 21 DG  B OP1    1 
ATOM   637 O OP2    . DG  B 2 9  ? 5.846   -11.883 -2.468  1.00 0.00 ? 21 DG  B OP2    1 
ATOM   638 O "O5'"  . DG  B 2 9  ? 4.066   -12.190 -0.747  1.00 0.00 ? 21 DG  B "O5'"  1 
ATOM   639 C "C5'"  . DG  B 2 9  ? 3.562   -12.238 0.581   1.00 0.00 ? 21 DG  B "C5'"  1 
ATOM   640 C "C4'"  . DG  B 2 9  ? 2.089   -12.667 0.671   1.00 0.00 ? 21 DG  B "C4'"  1 
ATOM   641 O "O4'"  . DG  B 2 9  ? 1.257   -11.711 0.023   1.00 0.00 ? 21 DG  B "O4'"  1 
ATOM   642 C "C3'"  . DG  B 2 9  ? 1.804   -14.044 0.069   1.00 0.00 ? 21 DG  B "C3'"  1 
ATOM   643 O "O3'"  . DG  B 2 9  ? 0.878   -14.732 0.901   1.00 0.00 ? 21 DG  B "O3'"  1 
ATOM   644 C "C2'"  . DG  B 2 9  ? 1.239   -13.689 -1.301  1.00 0.00 ? 21 DG  B "C2'"  1 
ATOM   645 C "C1'"  . DG  B 2 9  ? 0.586   -12.324 -1.068  1.00 0.00 ? 21 DG  B "C1'"  1 
ATOM   646 N N9     . DG  B 2 9  ? 0.656   -11.441 -2.257  1.00 0.00 ? 21 DG  B N9     1 
ATOM   647 C C8     . DG  B 2 9  ? 1.740   -11.126 -3.041  1.00 0.00 ? 21 DG  B C8     1 
ATOM   648 N N7     . DG  B 2 9  ? 1.468   -10.323 -4.036  1.00 0.00 ? 21 DG  B N7     1 
ATOM   649 C C5     . DG  B 2 9  ? 0.098   -10.054 -3.881  1.00 0.00 ? 21 DG  B C5     1 
ATOM   650 C C6     . DG  B 2 9  ? -0.806  -9.208  -4.619  1.00 0.00 ? 21 DG  B C6     1 
ATOM   651 O O6     . DG  B 2 9  ? -0.589  -8.515  -5.612  1.00 0.00 ? 21 DG  B O6     1 
ATOM   652 N N1     . DG  B 2 9  ? -2.084  -9.187  -4.103  1.00 0.00 ? 21 DG  B N1     1 
ATOM   653 C C2     . DG  B 2 9  ? -2.470  -9.901  -3.021  1.00 0.00 ? 21 DG  B C2     1 
ATOM   654 N N2     . DG  B 2 9  ? -3.704  -9.776  -2.626  1.00 0.00 ? 21 DG  B N2     1 
ATOM   655 N N3     . DG  B 2 9  ? -1.688  -10.727 -2.333  1.00 0.00 ? 21 DG  B N3     1 
ATOM   656 C C4     . DG  B 2 9  ? -0.403  -10.745 -2.798  1.00 0.00 ? 21 DG  B C4     1 
ATOM   657 H "H5'"  . DG  B 2 9  ? 3.664   -11.252 1.036   1.00 0.00 ? 21 DG  B "H5'"  1 
ATOM   658 H "H5''" . DG  B 2 9  ? 4.158   -12.945 1.161   1.00 0.00 ? 21 DG  B "H5''" 1 
ATOM   659 H "H4'"  . DG  B 2 9  ? 1.821   -12.703 1.727   1.00 0.00 ? 21 DG  B "H4'"  1 
ATOM   660 H "H3'"  . DG  B 2 9  ? 2.721   -14.630 -0.029  1.00 0.00 ? 21 DG  B "H3'"  1 
ATOM   661 H "H2'"  . DG  B 2 9  ? 2.060   -13.624 -2.013  1.00 0.00 ? 21 DG  B "H2'"  1 
ATOM   662 H "H2''" . DG  B 2 9  ? 0.514   -14.423 -1.640  1.00 0.00 ? 21 DG  B "H2''" 1 
ATOM   663 H "H1'"  . DG  B 2 9  ? -0.461  -12.481 -0.795  1.00 0.00 ? 21 DG  B "H1'"  1 
ATOM   664 H H8     . DG  B 2 9  ? 2.736   -11.511 -2.840  1.00 0.00 ? 21 DG  B H8     1 
ATOM   665 H H1     . DG  B 2 9  ? -2.741  -8.543  -4.520  1.00 0.00 ? 21 DG  B H1     1 
ATOM   666 H H21    . DG  B 2 9  ? -3.963  -10.264 -1.793  1.00 0.00 ? 21 DG  B H21    1 
ATOM   667 H H22    . DG  B 2 9  ? -4.322  -9.098  -3.070  1.00 0.00 ? 21 DG  B H22    1 
ATOM   668 P P      . DC  B 2 10 ? 0.428   -16.249 0.610   1.00 0.00 ? 22 DC  B P      1 
ATOM   669 O OP1    . DC  B 2 10 ? 0.095   -16.890 1.902   1.00 0.00 ? 22 DC  B OP1    1 
ATOM   670 O OP2    . DC  B 2 10 ? 1.437   -16.865 -0.277  1.00 0.00 ? 22 DC  B OP2    1 
ATOM   671 O "O5'"  . DC  B 2 10 ? -0.933  -16.021 -0.227  1.00 0.00 ? 22 DC  B "O5'"  1 
ATOM   672 C "C5'"  . DC  B 2 10 ? -2.086  -15.485 0.412   1.00 0.00 ? 22 DC  B "C5'"  1 
ATOM   673 C "C4'"  . DC  B 2 10 ? -3.258  -15.204 -0.538  1.00 0.00 ? 22 DC  B "C4'"  1 
ATOM   674 O "O4'"  . DC  B 2 10 ? -2.931  -14.147 -1.430  1.00 0.00 ? 22 DC  B "O4'"  1 
ATOM   675 C "C3'"  . DC  B 2 10 ? -3.741  -16.409 -1.362  1.00 0.00 ? 22 DC  B "C3'"  1 
ATOM   676 O "O3'"  . DC  B 2 10 ? -5.096  -16.702 -1.026  1.00 0.00 ? 22 DC  B "O3'"  1 
ATOM   677 C "C2'"  . DC  B 2 10 ? -3.581  -15.905 -2.797  1.00 0.00 ? 22 DC  B "C2'"  1 
ATOM   678 C "C1'"  . DC  B 2 10 ? -3.603  -14.381 -2.651  1.00 0.00 ? 22 DC  B "C1'"  1 
ATOM   679 N N1     . DC  B 2 10 ? -2.896  -13.675 -3.756  1.00 0.00 ? 22 DC  B N1     1 
ATOM   680 C C2     . DC  B 2 10 ? -3.606  -12.824 -4.611  1.00 0.00 ? 22 DC  B C2     1 
ATOM   681 O O2     . DC  B 2 10 ? -4.814  -12.633 -4.489  1.00 0.00 ? 22 DC  B O2     1 
ATOM   682 N N3     . DC  B 2 10 ? -2.974  -12.186 -5.628  1.00 0.00 ? 22 DC  B N3     1 
ATOM   683 C C4     . DC  B 2 10 ? -1.683  -12.371 -5.779  1.00 0.00 ? 22 DC  B C4     1 
ATOM   684 N N4     . DC  B 2 10 ? -1.126  -11.697 -6.742  1.00 0.00 ? 22 DC  B N4     1 
ATOM   685 C C5     . DC  B 2 10 ? -0.900  -13.212 -4.943  1.00 0.00 ? 22 DC  B C5     1 
ATOM   686 C C6     . DC  B 2 10 ? -1.545  -13.849 -3.933  1.00 0.00 ? 22 DC  B C6     1 
ATOM   687 H "H5'"  . DC  B 2 10 ? -1.816  -14.548 0.901   1.00 0.00 ? 22 DC  B "H5'"  1 
ATOM   688 H "H5''" . DC  B 2 10 ? -2.415  -16.189 1.177   1.00 0.00 ? 22 DC  B "H5''" 1 
ATOM   689 H "H4'"  . DC  B 2 10 ? -4.101  -14.870 0.067   1.00 0.00 ? 22 DC  B "H4'"  1 
ATOM   690 H "H3'"  . DC  B 2 10 ? -3.106  -17.281 -1.189  1.00 0.00 ? 22 DC  B "H3'"  1 
ATOM   691 H "H2'"  . DC  B 2 10 ? -2.621  -16.247 -3.182  1.00 0.00 ? 22 DC  B "H2'"  1 
ATOM   692 H "H2''" . DC  B 2 10 ? -4.384  -16.248 -3.442  1.00 0.00 ? 22 DC  B "H2''" 1 
ATOM   693 H "H1'"  . DC  B 2 10 ? -4.642  -14.039 -2.573  1.00 0.00 ? 22 DC  B "H1'"  1 
ATOM   694 H H41    . DC  B 2 10 ? -0.134  -11.585 -6.740  1.00 0.00 ? 22 DC  B H41    1 
ATOM   695 H H42    . DC  B 2 10 ? -1.718  -11.033 -7.236  1.00 0.00 ? 22 DC  B H42    1 
ATOM   696 H H5     . DC  B 2 10 ? 0.163   -13.331 -5.069  1.00 0.00 ? 22 DC  B H5     1 
ATOM   697 H H6     . DC  B 2 10 ? -1.013  -14.488 -3.236  1.00 0.00 ? 22 DC  B H6     1 
ATOM   698 P P      . DA  B 2 11 ? -5.926  -17.925 -1.677  1.00 0.00 ? 23 DA  B P      1 
ATOM   699 O OP1    . DA  B 2 11 ? -6.852  -18.455 -0.653  1.00 0.00 ? 23 DA  B OP1    1 
ATOM   700 O OP2    . DA  B 2 11 ? -4.993  -18.840 -2.369  1.00 0.00 ? 23 DA  B OP2    1 
ATOM   701 O "O5'"  . DA  B 2 11 ? -6.803  -17.169 -2.796  1.00 0.00 ? 23 DA  B "O5'"  1 
ATOM   702 C "C5'"  . DA  B 2 11 ? -7.816  -16.251 -2.411  1.00 0.00 ? 23 DA  B "C5'"  1 
ATOM   703 C "C4'"  . DA  B 2 11 ? -8.624  -15.694 -3.592  1.00 0.00 ? 23 DA  B "C4'"  1 
ATOM   704 O "O4'"  . DA  B 2 11 ? -7.814  -14.810 -4.359  1.00 0.00 ? 23 DA  B "O4'"  1 
ATOM   705 C "C3'"  . DA  B 2 11 ? -9.188  -16.783 -4.516  1.00 0.00 ? 23 DA  B "C3'"  1 
ATOM   706 O "O3'"  . DA  B 2 11 ? -10.554 -16.493 -4.815  1.00 0.00 ? 23 DA  B "O3'"  1 
ATOM   707 C "C2'"  . DA  B 2 11 ? -8.246  -16.666 -5.712  1.00 0.00 ? 23 DA  B "C2'"  1 
ATOM   708 C "C1'"  . DA  B 2 11 ? -7.864  -15.183 -5.722  1.00 0.00 ? 23 DA  B "C1'"  1 
ATOM   709 N N9     . DA  B 2 11 ? -6.551  -14.904 -6.359  1.00 0.00 ? 23 DA  B N9     1 
ATOM   710 C C8     . DA  B 2 11 ? -5.348  -15.536 -6.151  1.00 0.00 ? 23 DA  B C8     1 
ATOM   711 N N7     . DA  B 2 11 ? -4.362  -15.100 -6.895  1.00 0.00 ? 23 DA  B N7     1 
ATOM   712 C C5     . DA  B 2 11 ? -4.964  -14.050 -7.615  1.00 0.00 ? 23 DA  B C5     1 
ATOM   713 C C6     . DA  B 2 11 ? -4.523  -13.114 -8.585  1.00 0.00 ? 23 DA  B C6     1 
ATOM   714 N N6     . DA  B 2 11 ? -3.279  -12.982 -8.998  1.00 0.00 ? 23 DA  B N6     1 
ATOM   715 N N1     . DA  B 2 11 ? -5.373  -12.279 -9.184  1.00 0.00 ? 23 DA  B N1     1 
ATOM   716 C C2     . DA  B 2 11 ? -6.639  -12.305 -8.793  1.00 0.00 ? 23 DA  B C2     1 
ATOM   717 N N3     . DA  B 2 11 ? -7.201  -13.103 -7.893  1.00 0.00 ? 23 DA  B N3     1 
ATOM   718 C C4     . DA  B 2 11 ? -6.298  -13.946 -7.317  1.00 0.00 ? 23 DA  B C4     1 
ATOM   719 H "H5'"  . DA  B 2 11 ? -7.360  -15.418 -1.872  1.00 0.00 ? 23 DA  B "H5'"  1 
ATOM   720 H "H5''" . DA  B 2 11 ? -8.506  -16.758 -1.734  1.00 0.00 ? 23 DA  B "H5''" 1 
ATOM   721 H "H4'"  . DA  B 2 11 ? -9.460  -15.126 -3.187  1.00 0.00 ? 23 DA  B "H4'"  1 
ATOM   722 H "H3'"  . DA  B 2 11 ? -9.104  -17.770 -4.056  1.00 0.00 ? 23 DA  B "H3'"  1 
ATOM   723 H "H2'"  . DA  B 2 11 ? -7.373  -17.291 -5.526  1.00 0.00 ? 23 DA  B "H2'"  1 
ATOM   724 H "H2''" . DA  B 2 11 ? -8.732  -16.969 -6.634  1.00 0.00 ? 23 DA  B "H2''" 1 
ATOM   725 H "H1'"  . DA  B 2 11 ? -8.646  -14.608 -6.225  1.00 0.00 ? 23 DA  B "H1'"  1 
ATOM   726 H H8     . DA  B 2 11 ? -5.242  -16.340 -5.434  1.00 0.00 ? 23 DA  B H8     1 
ATOM   727 H H61    . DA  B 2 11 ? -2.555  -13.405 -8.448  1.00 0.00 ? 23 DA  B H61    1 
ATOM   728 H H62    . DA  B 2 11 ? -3.069  -12.216 -9.632  1.00 0.00 ? 23 DA  B H62    1 
ATOM   729 H H2     . DA  B 2 11 ? -7.301  -11.605 -9.286  1.00 0.00 ? 23 DA  B H2     1 
ATOM   730 P P      . DC  B 2 12 ? -11.471 -17.422 -5.760  1.00 0.00 ? 24 DC  B P      1 
ATOM   731 O OP1    . DC  B 2 12 ? -12.895 -17.217 -5.414  1.00 0.00 ? 24 DC  B OP1    1 
ATOM   732 O OP2    . DC  B 2 12 ? -10.914 -18.788 -5.817  1.00 0.00 ? 24 DC  B OP2    1 
ATOM   733 O "O5'"  . DC  B 2 12 ? -11.230 -16.736 -7.188  1.00 0.00 ? 24 DC  B "O5'"  1 
ATOM   734 C "C5'"  . DC  B 2 12 ? -11.647 -15.400 -7.422  1.00 0.00 ? 24 DC  B "C5'"  1 
ATOM   735 C "C4'"  . DC  B 2 12 ? -11.312 -14.955 -8.848  1.00 0.00 ? 24 DC  B "C4'"  1 
ATOM   736 O "O4'"  . DC  B 2 12 ? -9.917  -14.771 -8.985  1.00 0.00 ? 24 DC  B "O4'"  1 
ATOM   737 C "C3'"  . DC  B 2 12 ? -11.752 -15.962 -9.928  1.00 0.00 ? 24 DC  B "C3'"  1 
ATOM   738 O "O3'"  . DC  B 2 12 ? -12.719 -15.410 -10.810 1.00 0.00 ? 24 DC  B "O3'"  1 
ATOM   739 C "C2'"  . DC  B 2 12 ? -10.460 -16.254 -10.688 1.00 0.00 ? 24 DC  B "C2'"  1 
ATOM   740 C "C1'"  . DC  B 2 12 ? -9.561  -15.077 -10.315 1.00 0.00 ? 24 DC  B "C1'"  1 
ATOM   741 N N1     . DC  B 2 12 ? -8.114  -15.410 -10.384 1.00 0.00 ? 24 DC  B N1     1 
ATOM   742 C C2     . DC  B 2 12 ? -7.332  -14.857 -11.401 1.00 0.00 ? 24 DC  B C2     1 
ATOM   743 O O2     . DC  B 2 12 ? -7.823  -14.156 -12.282 1.00 0.00 ? 24 DC  B O2     1 
ATOM   744 N N3     . DC  B 2 12 ? -6.004  -15.106 -11.464 1.00 0.00 ? 24 DC  B N3     1 
ATOM   745 C C4     . DC  B 2 12 ? -5.461  -15.847 -10.526 1.00 0.00 ? 24 DC  B C4     1 
ATOM   746 N N4     . DC  B 2 12 ? -4.169  -15.966 -10.573 1.00 0.00 ? 24 DC  B N4     1 
ATOM   747 C C5     . DC  B 2 12 ? -6.206  -16.479 -9.493  1.00 0.00 ? 24 DC  B C5     1 
ATOM   748 C C6     . DC  B 2 12 ? -7.540  -16.235 -9.453  1.00 0.00 ? 24 DC  B C6     1 
ATOM   749 H "H5'"  . DC  B 2 12 ? -11.151 -14.733 -6.714  1.00 0.00 ? 24 DC  B "H5'"  1 
ATOM   750 H "H5''" . DC  B 2 12 ? -12.724 -15.334 -7.266  1.00 0.00 ? 24 DC  B "H5''" 1 
ATOM   751 H "H4'"  . DC  B 2 12 ? -11.794 -13.995 -9.033  1.00 0.00 ? 24 DC  B "H4'"  1 
ATOM   752 H "H3'"  . DC  B 2 12 ? -12.127 -16.882 -9.474  1.00 0.00 ? 24 DC  B "H3'"  1 
ATOM   753 H "HO3'" . DC  B 2 12 ? -13.515 -15.229 -10.302 1.00 0.00 ? 24 DC  B "HO3'" 1 
ATOM   754 H "H2'"  . DC  B 2 12 ? -10.036 -17.190 -10.322 1.00 0.00 ? 24 DC  B "H2'"  1 
ATOM   755 H "H2''" . DC  B 2 12 ? -10.620 -16.304 -11.766 1.00 0.00 ? 24 DC  B "H2''" 1 
ATOM   756 H "H1'"  . DC  B 2 12 ? -9.789  -14.218 -10.957 1.00 0.00 ? 24 DC  B "H1'"  1 
ATOM   757 H H41    . DC  B 2 12 ? -3.704  -16.282 -9.746  1.00 0.00 ? 24 DC  B H41    1 
ATOM   758 H H42    . DC  B 2 12 ? -3.684  -15.416 -11.278 1.00 0.00 ? 24 DC  B H42    1 
ATOM   759 H H5     . DC  B 2 12 ? -5.741  -17.085 -8.730  1.00 0.00 ? 24 DC  B H5     1 
ATOM   760 H H6     . DC  B 2 12 ? -8.164  -16.646 -8.670  1.00 0.00 ? 24 DC  B H6     1 
# 
